data_4N06
#
_entry.id   4N06
#
_cell.length_a   70.886
_cell.length_b   41.929
_cell.length_c   125.293
_cell.angle_alpha   90.00
_cell.angle_beta   98.03
_cell.angle_gamma   90.00
#
_symmetry.space_group_name_H-M   'P 1 21 1'
#
loop_
_entity.id
_entity.type
_entity.pdbx_description
1 polymer 'CRISPR-associated endonuclease Cas1 1'
2 water water
#
_entity_poly.entity_id   1
_entity_poly.type   'polypeptide(L)'
_entity_poly.pdbx_seq_one_letter_code
;GG(MSE)RLVVDGFGKYLGIENGLIVVKEKGKALRKVRPEDLKQVLIIGKAAISSDAIKLLLKNRVDVVFLDFNGEILGR
LSHPLIGTAKTRREQYLAYGDKRGVHLAKEFIKAK(MSE)ANQ(MSE)AILTNLAKARKDSNPEVAESLLKAKKEIDACL
NELDGVEAE(MSE)IDKVRERLLGIEGKASKHYWDAISLVIPEEYRFNGRRGIEIGSPRYAKDIVNA(MSE)LNYGYSIL
LAECVKAVELAGLDPYAGFLHVDVSGRSSLAIDL(MSE)ENFRQQVVDRVVLRLISYRQIKPEDCEKRN(MSE)VCQLSD
NARRLLLASLLERLDSKTQYRGRNLAYSSIILLHARDVVAFLRGERRYEGFVQKW
;
_entity_poly.pdbx_strand_id   A,B
#
# COMPACT_ATOMS: atom_id res chain seq x y z
N GLY A 1 -9.80 -16.69 13.60
CA GLY A 1 -9.61 -17.17 12.25
C GLY A 1 -8.15 -17.21 11.85
N GLY A 2 -7.32 -17.80 12.72
CA GLY A 2 -5.90 -17.87 12.49
C GLY A 2 -5.08 -17.11 13.52
N MSE A 3 -3.86 -17.57 13.75
CA MSE A 3 -2.95 -16.99 14.73
C MSE A 3 -2.33 -15.65 14.29
O MSE A 3 -2.07 -15.44 13.09
CB MSE A 3 -1.85 -17.99 15.05
CG MSE A 3 -0.78 -17.50 16.01
SE MSE A 3 0.75 -18.71 16.08
CE MSE A 3 1.93 -17.63 17.20
N ARG A 4 -2.08 -14.76 15.25
CA ARG A 4 -1.26 -13.58 15.03
C ARG A 4 0.15 -13.83 15.55
N LEU A 5 1.11 -14.00 14.65
CA LEU A 5 2.50 -14.19 15.05
C LEU A 5 3.19 -12.85 15.26
N VAL A 6 3.65 -12.60 16.49
CA VAL A 6 4.34 -11.36 16.82
C VAL A 6 5.85 -11.56 16.85
N VAL A 7 6.57 -10.73 16.10
CA VAL A 7 8.02 -10.81 16.03
C VAL A 7 8.64 -9.49 16.46
N ASP A 8 9.39 -9.51 17.56
CA ASP A 8 9.88 -8.28 18.17
C ASP A 8 11.18 -8.45 18.94
N GLY A 9 12.02 -7.43 18.92
CA GLY A 9 13.29 -7.47 19.62
C GLY A 9 14.53 -7.60 18.75
N PHE A 10 15.67 -7.25 19.32
CA PHE A 10 16.95 -7.29 18.63
C PHE A 10 17.33 -8.71 18.21
N GLY A 11 17.80 -8.86 16.98
CA GLY A 11 18.38 -10.11 16.52
C GLY A 11 17.37 -11.16 16.10
N LYS A 12 16.08 -10.83 16.17
CA LYS A 12 15.03 -11.74 15.74
C LYS A 12 14.66 -11.47 14.29
N TYR A 13 14.50 -12.54 13.51
CA TYR A 13 14.11 -12.37 12.11
C TYR A 13 13.24 -13.50 11.59
N LEU A 14 12.31 -13.14 10.71
CA LEU A 14 11.39 -14.10 10.12
C LEU A 14 11.95 -14.67 8.82
N GLY A 15 12.04 -15.99 8.74
CA GLY A 15 12.51 -16.66 7.55
C GLY A 15 11.59 -17.82 7.20
N ILE A 16 12.02 -18.67 6.26
CA ILE A 16 11.25 -19.86 5.91
C ILE A 16 12.13 -21.10 5.85
N GLU A 17 11.51 -22.24 6.10
CA GLU A 17 12.21 -23.53 6.04
C GLU A 17 11.17 -24.64 5.85
N ASN A 18 11.29 -25.35 4.73
CA ASN A 18 10.36 -26.44 4.40
C ASN A 18 8.89 -26.03 4.40
N GLY A 19 8.61 -24.82 3.92
CA GLY A 19 7.26 -24.35 3.80
C GLY A 19 6.71 -23.75 5.09
N LEU A 20 7.55 -23.74 6.12
CA LEU A 20 7.15 -23.18 7.41
C LEU A 20 7.73 -21.80 7.64
N ILE A 21 6.90 -20.88 8.13
CA ILE A 21 7.38 -19.62 8.65
C ILE A 21 8.20 -19.92 9.90
N VAL A 22 9.36 -19.30 10.03
CA VAL A 22 10.25 -19.61 11.15
C VAL A 22 10.88 -18.37 11.77
N VAL A 23 10.61 -18.15 13.06
CA VAL A 23 11.28 -17.11 13.81
C VAL A 23 12.66 -17.62 14.24
N LYS A 24 13.69 -16.88 13.82
CA LYS A 24 15.08 -17.27 14.06
C LYS A 24 15.88 -16.18 14.77
N GLU A 25 16.95 -16.59 15.43
CA GLU A 25 17.90 -15.68 16.05
C GLU A 25 19.29 -16.30 16.04
N LYS A 26 20.26 -15.56 15.50
CA LYS A 26 21.64 -16.02 15.38
C LYS A 26 21.76 -17.35 14.64
N GLY A 27 20.91 -17.55 13.63
CA GLY A 27 20.97 -18.72 12.78
C GLY A 27 20.25 -19.93 13.40
N LYS A 28 19.70 -19.74 14.59
CA LYS A 28 19.04 -20.81 15.31
C LYS A 28 17.52 -20.59 15.31
N ALA A 29 16.78 -21.65 14.99
CA ALA A 29 15.32 -21.56 14.98
C ALA A 29 14.78 -21.36 16.40
N LEU A 30 13.80 -20.48 16.54
CA LEU A 30 13.14 -20.25 17.82
C LEU A 30 11.71 -20.72 17.75
N ARG A 31 11.06 -20.46 16.61
CA ARG A 31 9.64 -20.78 16.47
C ARG A 31 9.33 -21.24 15.06
N LYS A 32 8.43 -22.22 14.92
CA LYS A 32 8.04 -22.71 13.60
C LYS A 32 6.52 -22.78 13.50
N VAL A 33 5.96 -22.14 12.49
CA VAL A 33 4.52 -22.16 12.28
C VAL A 33 4.22 -22.39 10.80
N ARG A 34 3.22 -23.22 10.50
CA ARG A 34 2.75 -23.32 9.13
C ARG A 34 1.90 -22.10 8.80
N PRO A 35 2.09 -21.52 7.60
CA PRO A 35 1.43 -20.29 7.17
C PRO A 35 -0.10 -20.40 7.17
N GLU A 36 -0.62 -21.58 6.92
CA GLU A 36 -2.07 -21.78 6.91
C GLU A 36 -2.71 -21.49 8.26
N ASP A 37 -1.97 -21.73 9.34
CA ASP A 37 -2.45 -21.39 10.69
C ASP A 37 -2.33 -19.91 11.00
N LEU A 38 -1.46 -19.23 10.26
CA LEU A 38 -1.28 -17.78 10.42
C LEU A 38 -2.43 -17.02 9.78
N LYS A 39 -2.78 -15.89 10.36
CA LYS A 39 -3.69 -14.96 9.69
C LYS A 39 -3.01 -13.60 9.55
N GLN A 40 -2.03 -13.37 10.42
CA GLN A 40 -1.30 -12.11 10.41
C GLN A 40 0.06 -12.29 11.08
N VAL A 41 1.06 -11.57 10.56
CA VAL A 41 2.35 -11.51 11.23
C VAL A 41 2.71 -10.05 11.53
N LEU A 42 3.21 -9.82 12.74
CA LEU A 42 3.57 -8.49 13.18
C LEU A 42 5.07 -8.34 13.29
N ILE A 43 5.65 -7.45 12.48
CA ILE A 43 7.07 -7.15 12.56
C ILE A 43 7.28 -5.84 13.32
N ILE A 44 7.89 -5.94 14.49
CA ILE A 44 7.95 -4.80 15.39
C ILE A 44 9.39 -4.39 15.73
N GLY A 45 9.67 -3.10 15.58
CA GLY A 45 10.95 -2.56 15.96
C GLY A 45 12.15 -3.12 15.23
N LYS A 46 13.10 -3.65 16.00
CA LYS A 46 14.35 -4.18 15.47
C LYS A 46 14.16 -5.49 14.70
N ALA A 47 12.99 -6.11 14.87
CA ALA A 47 12.67 -7.36 14.20
C ALA A 47 12.68 -7.19 12.68
N ALA A 48 13.07 -8.24 11.98
CA ALA A 48 13.26 -8.19 10.53
C ALA A 48 12.53 -9.33 9.83
N ILE A 49 12.27 -9.16 8.54
CA ILE A 49 11.61 -10.18 7.75
C ILE A 49 12.24 -10.28 6.36
N SER A 50 12.42 -11.52 5.89
CA SER A 50 12.96 -11.77 4.55
C SER A 50 11.86 -11.60 3.49
N SER A 51 12.28 -11.28 2.27
CA SER A 51 11.33 -11.16 1.17
C SER A 51 10.65 -12.50 0.86
N ASP A 52 11.38 -13.59 1.05
CA ASP A 52 10.82 -14.92 0.85
C ASP A 52 9.72 -15.25 1.87
N ALA A 53 9.92 -14.81 3.10
CA ALA A 53 8.92 -15.01 4.12
C ALA A 53 7.67 -14.22 3.75
N ILE A 54 7.88 -13.04 3.17
CA ILE A 54 6.77 -12.23 2.69
C ILE A 54 6.04 -12.92 1.55
N LYS A 55 6.77 -13.59 0.68
CA LYS A 55 6.15 -14.27 -0.44
C LYS A 55 5.31 -15.45 0.04
N LEU A 56 5.87 -16.24 0.96
CA LEU A 56 5.12 -17.37 1.51
C LEU A 56 3.89 -16.92 2.29
N LEU A 57 4.01 -15.79 2.98
CA LEU A 57 2.90 -15.28 3.77
C LEU A 57 1.79 -14.76 2.88
N LEU A 58 2.17 -13.98 1.86
CA LEU A 58 1.20 -13.45 0.91
C LEU A 58 0.52 -14.55 0.11
N LYS A 59 1.28 -15.62 -0.16
CA LYS A 59 0.75 -16.77 -0.89
C LYS A 59 -0.32 -17.48 -0.08
N ASN A 60 -0.19 -17.40 1.25
CA ASN A 60 -1.16 -18.01 2.15
C ASN A 60 -2.19 -17.01 2.67
N ARG A 61 -2.26 -15.86 1.99
CA ARG A 61 -3.20 -14.80 2.32
C ARG A 61 -3.02 -14.31 3.76
N VAL A 62 -1.79 -14.39 4.25
CA VAL A 62 -1.47 -13.88 5.58
C VAL A 62 -1.09 -12.41 5.52
N ASP A 63 -1.81 -11.59 6.27
CA ASP A 63 -1.53 -10.17 6.36
C ASP A 63 -0.17 -9.98 7.02
N VAL A 64 0.62 -9.03 6.53
CA VAL A 64 1.88 -8.72 7.21
C VAL A 64 1.97 -7.24 7.56
N VAL A 65 2.18 -6.94 8.83
CA VAL A 65 2.14 -5.56 9.30
C VAL A 65 3.47 -5.11 9.87
N PHE A 66 3.88 -3.88 9.56
CA PHE A 66 5.10 -3.33 10.14
C PHE A 66 4.79 -2.25 11.17
N LEU A 67 5.45 -2.32 12.32
CA LEU A 67 5.15 -1.41 13.43
C LEU A 67 6.41 -1.00 14.19
N ASP A 68 6.47 0.26 14.61
CA ASP A 68 7.53 0.71 15.51
C ASP A 68 7.21 0.33 16.95
N PHE A 69 8.15 0.59 17.86
CA PHE A 69 7.99 0.21 19.26
C PHE A 69 6.77 0.88 19.91
N ASN A 70 6.41 2.06 19.42
CA ASN A 70 5.24 2.78 19.93
C ASN A 70 3.93 2.35 19.29
N GLY A 71 4.02 1.40 18.36
CA GLY A 71 2.84 0.80 17.76
C GLY A 71 2.25 1.51 16.56
N GLU A 72 2.88 2.62 16.15
CA GLU A 72 2.44 3.28 14.92
C GLU A 72 2.62 2.36 13.72
N ILE A 73 1.59 2.27 12.88
CA ILE A 73 1.67 1.48 11.66
C ILE A 73 2.64 2.13 10.68
N LEU A 74 3.49 1.34 10.06
CA LEU A 74 4.42 1.85 9.07
C LEU A 74 3.91 1.48 7.68
N GLY A 75 3.46 0.24 7.55
CA GLY A 75 2.89 -0.24 6.31
C GLY A 75 2.28 -1.61 6.50
N ARG A 76 1.58 -2.07 5.46
CA ARG A 76 0.92 -3.36 5.49
C ARG A 76 0.95 -4.00 4.11
N LEU A 77 1.24 -5.29 4.07
CA LEU A 77 1.23 -6.03 2.82
C LEU A 77 0.17 -7.13 2.88
N SER A 78 -0.52 -7.32 1.76
CA SER A 78 -1.65 -8.23 1.68
C SER A 78 -1.89 -8.66 0.24
N HIS A 79 -2.75 -9.66 0.06
CA HIS A 79 -3.08 -10.16 -1.27
C HIS A 79 -3.84 -9.09 -2.04
N PRO A 80 -3.58 -8.98 -3.36
CA PRO A 80 -4.19 -7.93 -4.19
C PRO A 80 -5.71 -8.00 -4.23
N LEU A 81 -6.36 -6.85 -4.29
CA LEU A 81 -7.81 -6.77 -4.21
C LEU A 81 -8.41 -6.19 -5.49
N ILE A 82 -9.52 -6.78 -5.93
CA ILE A 82 -10.21 -6.33 -7.14
C ILE A 82 -11.70 -6.63 -7.08
N GLY A 83 -12.53 -5.71 -7.57
CA GLY A 83 -12.10 -4.40 -8.02
C GLY A 83 -12.84 -3.32 -7.28
N THR A 84 -12.09 -2.35 -6.73
CA THR A 84 -12.65 -1.39 -5.78
C THR A 84 -12.86 0.04 -6.29
N ALA A 85 -12.68 0.26 -7.60
CA ALA A 85 -12.78 1.62 -8.13
C ALA A 85 -14.17 2.22 -7.97
N LYS A 86 -15.19 1.37 -8.07
CA LYS A 86 -16.57 1.79 -7.90
C LYS A 86 -16.80 2.27 -6.47
N THR A 87 -16.22 1.53 -5.53
CA THR A 87 -16.35 1.84 -4.11
C THR A 87 -15.67 3.16 -3.78
N ARG A 88 -14.46 3.33 -4.27
CA ARG A 88 -13.72 4.57 -4.03
C ARG A 88 -14.41 5.76 -4.69
N ARG A 89 -15.04 5.51 -5.83
CA ARG A 89 -15.77 6.56 -6.52
C ARG A 89 -16.95 7.02 -5.68
N GLU A 90 -17.72 6.07 -5.18
CA GLU A 90 -18.85 6.42 -4.32
C GLU A 90 -18.38 7.06 -3.02
N GLN A 91 -17.19 6.67 -2.58
CA GLN A 91 -16.61 7.23 -1.36
C GLN A 91 -16.27 8.71 -1.55
N TYR A 92 -15.61 9.03 -2.67
CA TYR A 92 -15.28 10.42 -2.98
C TYR A 92 -16.52 11.25 -3.24
N LEU A 93 -17.53 10.65 -3.87
CA LEU A 93 -18.79 11.34 -4.12
C LEU A 93 -19.56 11.63 -2.83
N ALA A 94 -19.44 10.74 -1.86
CA ALA A 94 -20.19 10.84 -0.61
C ALA A 94 -19.76 12.06 0.21
N TYR A 95 -18.52 12.50 -0.01
CA TYR A 95 -17.99 13.66 0.68
C TYR A 95 -18.79 14.91 0.32
N GLY A 96 -19.31 14.93 -0.91
CA GLY A 96 -20.07 16.06 -1.40
C GLY A 96 -21.56 16.05 -1.09
N ASP A 97 -22.05 14.99 -0.45
CA ASP A 97 -23.48 14.88 -0.16
C ASP A 97 -23.80 14.38 1.26
N LYS A 98 -25.07 14.09 1.49
CA LYS A 98 -25.58 13.77 2.83
C LYS A 98 -25.01 12.48 3.44
N ARG A 99 -24.49 11.59 2.60
CA ARG A 99 -23.95 10.32 3.08
C ARG A 99 -22.77 10.51 4.03
N GLY A 100 -21.93 11.51 3.75
CA GLY A 100 -20.79 11.79 4.60
C GLY A 100 -21.21 12.32 5.95
N VAL A 101 -22.27 13.13 5.95
CA VAL A 101 -22.83 13.65 7.20
C VAL A 101 -23.42 12.52 8.01
N HIS A 102 -24.14 11.62 7.34
CA HIS A 102 -24.75 10.49 8.04
C HIS A 102 -23.68 9.61 8.66
N LEU A 103 -22.58 9.42 7.93
CA LEU A 103 -21.49 8.58 8.41
C LEU A 103 -20.82 9.20 9.62
N ALA A 104 -20.56 10.51 9.55
CA ALA A 104 -19.89 11.19 10.65
C ALA A 104 -20.76 11.18 11.91
N LYS A 105 -22.05 11.43 11.71
CA LYS A 105 -22.98 11.43 12.83
C LYS A 105 -23.07 10.04 13.47
N GLU A 106 -23.07 9.00 12.63
CA GLU A 106 -23.15 7.64 13.16
C GLU A 106 -21.89 7.29 13.95
N PHE A 107 -20.74 7.74 13.47
CA PHE A 107 -19.50 7.48 14.17
C PHE A 107 -19.49 8.14 15.55
N ILE A 108 -19.84 9.42 15.59
CA ILE A 108 -19.86 10.14 16.86
C ILE A 108 -20.91 9.59 17.83
N LYS A 109 -22.04 9.15 17.28
CA LYS A 109 -23.10 8.56 18.10
C LYS A 109 -22.63 7.27 18.73
N ALA A 110 -21.95 6.44 17.93
CA ALA A 110 -21.43 5.18 18.45
C ALA A 110 -20.40 5.43 19.53
N LYS A 111 -19.57 6.45 19.34
CA LYS A 111 -18.53 6.76 20.32
C LYS A 111 -19.14 7.20 21.65
N MSE A 112 -20.10 8.12 21.58
CA MSE A 112 -20.75 8.60 22.79
C MSE A 112 -21.52 7.50 23.51
O MSE A 112 -21.53 7.44 24.76
CB MSE A 112 -21.68 9.76 22.48
CG MSE A 112 -20.97 11.03 22.05
SE MSE A 112 -22.30 12.38 21.59
CE MSE A 112 -21.09 13.83 21.12
N ALA A 113 -22.16 6.62 22.74
CA ALA A 113 -22.93 5.53 23.33
C ALA A 113 -22.01 4.56 24.04
N ASN A 114 -20.88 4.23 23.43
CA ASN A 114 -19.93 3.33 24.09
C ASN A 114 -19.28 3.94 25.33
N GLN A 115 -19.05 5.25 25.30
CA GLN A 115 -18.54 5.95 26.47
C GLN A 115 -19.56 5.84 27.61
N MSE A 116 -20.83 6.02 27.25
CA MSE A 116 -21.90 5.89 28.24
C MSE A 116 -21.98 4.47 28.78
O MSE A 116 -22.27 4.28 29.96
CB MSE A 116 -23.24 6.29 27.62
CG MSE A 116 -23.39 7.76 27.34
SE MSE A 116 -25.04 8.13 26.36
CE MSE A 116 -26.32 7.26 27.54
N ALA A 117 -21.71 3.49 27.94
CA ALA A 117 -21.80 2.10 28.34
C ALA A 117 -20.73 1.78 29.38
N ILE A 118 -19.50 2.22 29.09
CA ILE A 118 -18.42 2.00 30.04
C ILE A 118 -18.68 2.73 31.36
N LEU A 119 -19.23 3.94 31.27
CA LEU A 119 -19.54 4.68 32.49
C LEU A 119 -20.60 3.94 33.30
N THR A 120 -21.52 3.29 32.59
CA THR A 120 -22.58 2.52 33.23
C THR A 120 -22.02 1.32 33.98
N ASN A 121 -21.11 0.58 33.35
CA ASN A 121 -20.50 -0.56 34.02
C ASN A 121 -19.66 -0.13 35.23
N LEU A 122 -18.95 0.98 35.05
CA LEU A 122 -18.09 1.51 36.11
C LEU A 122 -18.93 1.91 37.31
N ALA A 123 -20.10 2.47 37.02
CA ALA A 123 -20.98 2.91 38.10
C ALA A 123 -21.59 1.71 38.81
N LYS A 124 -21.97 0.70 38.03
CA LYS A 124 -22.62 -0.48 38.60
C LYS A 124 -21.67 -1.23 39.52
N ALA A 125 -20.38 -1.25 39.18
CA ALA A 125 -19.41 -1.91 40.04
C ALA A 125 -19.25 -1.22 41.40
N ARG A 126 -19.48 0.09 41.43
CA ARG A 126 -19.20 0.89 42.63
C ARG A 126 -20.46 1.33 43.37
N LYS A 127 -21.60 0.76 43.01
CA LYS A 127 -22.88 1.21 43.54
C LYS A 127 -22.95 1.09 45.06
N ASP A 128 -22.31 0.06 45.60
CA ASP A 128 -22.31 -0.16 47.04
C ASP A 128 -21.01 0.29 47.70
N SER A 129 -19.88 -0.10 47.11
CA SER A 129 -18.57 0.20 47.67
C SER A 129 -18.19 1.68 47.61
N ASN A 130 -18.51 2.35 46.51
CA ASN A 130 -18.19 3.76 46.34
C ASN A 130 -19.33 4.60 45.76
N PRO A 131 -20.37 4.87 46.57
CA PRO A 131 -21.57 5.55 46.08
C PRO A 131 -21.35 6.93 45.44
N GLU A 132 -20.38 7.71 45.94
CA GLU A 132 -20.18 9.05 45.40
C GLU A 132 -19.53 9.04 44.02
N VAL A 133 -18.54 8.17 43.83
CA VAL A 133 -17.93 8.00 42.52
C VAL A 133 -18.96 7.46 41.53
N ALA A 134 -19.84 6.58 42.01
CA ALA A 134 -20.87 6.01 41.15
C ALA A 134 -21.84 7.09 40.70
N GLU A 135 -22.21 7.96 41.64
CA GLU A 135 -23.12 9.05 41.35
C GLU A 135 -22.51 10.00 40.33
N SER A 136 -21.21 10.28 40.50
CA SER A 136 -20.52 11.16 39.57
C SER A 136 -20.44 10.55 38.18
N LEU A 137 -20.25 9.23 38.14
CA LEU A 137 -20.17 8.53 36.86
C LEU A 137 -21.50 8.60 36.14
N LEU A 138 -22.58 8.43 36.88
CA LEU A 138 -23.91 8.51 36.30
C LEU A 138 -24.22 9.93 35.80
N LYS A 139 -23.74 10.93 36.53
CA LYS A 139 -23.96 12.32 36.12
C LYS A 139 -23.21 12.63 34.83
N ALA A 140 -21.98 12.12 34.74
CA ALA A 140 -21.22 12.33 33.51
C ALA A 140 -21.89 11.61 32.35
N LYS A 141 -22.46 10.45 32.64
CA LYS A 141 -23.16 9.70 31.60
C LYS A 141 -24.34 10.50 31.09
N LYS A 142 -25.03 11.17 32.02
CA LYS A 142 -26.17 12.00 31.64
C LYS A 142 -25.76 13.20 30.80
N GLU A 143 -24.62 13.80 31.13
CA GLU A 143 -24.12 14.93 30.34
C GLU A 143 -23.77 14.50 28.92
N ILE A 144 -23.15 13.32 28.81
CA ILE A 144 -22.82 12.78 27.50
C ILE A 144 -24.08 12.50 26.71
N ASP A 145 -25.11 11.97 27.37
CA ASP A 145 -26.36 11.69 26.69
C ASP A 145 -27.04 12.97 26.23
N ALA A 146 -26.85 14.04 26.99
CA ALA A 146 -27.36 15.34 26.57
C ALA A 146 -26.65 15.79 25.29
N CYS A 147 -25.34 15.53 25.23
CA CYS A 147 -24.59 15.84 24.02
C CYS A 147 -25.08 15.00 22.83
N LEU A 148 -25.46 13.76 23.10
CA LEU A 148 -25.94 12.87 22.05
C LEU A 148 -27.26 13.38 21.51
N ASN A 149 -28.14 13.79 22.42
CA ASN A 149 -29.43 14.32 22.06
C ASN A 149 -29.30 15.61 21.24
N GLU A 150 -28.30 16.43 21.57
CA GLU A 150 -28.05 17.59 20.71
C GLU A 150 -27.53 17.15 19.34
N LEU A 151 -26.72 16.11 19.34
CA LEU A 151 -26.10 15.63 18.10
C LEU A 151 -27.16 15.11 17.13
N ASP A 152 -28.25 14.58 17.66
CA ASP A 152 -29.30 14.03 16.80
C ASP A 152 -29.94 15.09 15.91
N GLY A 153 -30.07 16.31 16.43
CA GLY A 153 -30.76 17.37 15.73
C GLY A 153 -29.95 18.08 14.66
N VAL A 154 -28.65 17.82 14.63
CA VAL A 154 -27.77 18.42 13.64
C VAL A 154 -28.10 17.89 12.24
N GLU A 155 -28.18 18.79 11.26
CA GLU A 155 -28.49 18.41 9.88
C GLU A 155 -27.67 19.25 8.89
N ALA A 156 -27.22 18.63 7.81
CA ALA A 156 -26.47 19.33 6.78
C ALA A 156 -26.45 18.57 5.46
N GLU A 157 -26.36 19.31 4.36
CA GLU A 157 -26.20 18.69 3.03
C GLU A 157 -24.82 18.05 2.81
N MSE A 158 -23.80 18.55 3.50
CA MSE A 158 -22.45 18.01 3.35
C MSE A 158 -21.56 18.29 4.55
O MSE A 158 -21.76 19.27 5.27
CB MSE A 158 -21.79 18.51 2.05
CG MSE A 158 -21.55 20.00 1.99
SE MSE A 158 -21.00 20.58 0.22
CE MSE A 158 -22.71 20.36 -0.71
N ILE A 159 -20.57 17.41 4.75
CA ILE A 159 -19.81 17.39 6.00
C ILE A 159 -18.99 18.66 6.27
N ASP A 160 -18.53 19.34 5.22
CA ASP A 160 -17.75 20.56 5.38
C ASP A 160 -18.55 21.67 6.07
N LYS A 161 -19.86 21.68 5.85
CA LYS A 161 -20.72 22.71 6.40
C LYS A 161 -20.88 22.61 7.91
N VAL A 162 -20.70 21.41 8.46
CA VAL A 162 -21.10 21.17 9.84
C VAL A 162 -20.05 20.41 10.67
N ARG A 163 -18.88 20.16 10.10
CA ARG A 163 -17.87 19.34 10.77
C ARG A 163 -17.43 19.93 12.10
N GLU A 164 -17.28 21.25 12.18
CA GLU A 164 -16.85 21.91 13.42
C GLU A 164 -17.88 21.81 14.54
N ARG A 165 -19.16 21.84 14.18
CA ARG A 165 -20.22 21.72 15.16
C ARG A 165 -20.21 20.31 15.76
N LEU A 166 -20.02 19.33 14.89
CA LEU A 166 -19.95 17.94 15.28
C LEU A 166 -18.75 17.68 16.19
N LEU A 167 -17.60 18.23 15.80
CA LEU A 167 -16.38 18.09 16.59
C LEU A 167 -16.50 18.79 17.93
N GLY A 168 -17.27 19.88 17.96
CA GLY A 168 -17.49 20.60 19.20
C GLY A 168 -18.29 19.76 20.16
N ILE A 169 -19.39 19.20 19.67
CA ILE A 169 -20.23 18.37 20.53
C ILE A 169 -19.48 17.13 21.00
N GLU A 170 -18.73 16.51 20.09
CA GLU A 170 -17.95 15.34 20.43
C GLU A 170 -16.91 15.67 21.48
N GLY A 171 -16.33 16.87 21.38
CA GLY A 171 -15.30 17.27 22.31
C GLY A 171 -15.84 17.54 23.70
N LYS A 172 -17.04 18.12 23.78
CA LYS A 172 -17.66 18.33 25.08
C LYS A 172 -17.96 16.98 25.74
N ALA A 173 -18.52 16.06 24.94
CA ALA A 173 -18.89 14.76 25.47
C ALA A 173 -17.65 14.02 25.98
N SER A 174 -16.60 14.03 25.15
CA SER A 174 -15.36 13.34 25.49
C SER A 174 -14.71 13.94 26.73
N LYS A 175 -14.87 15.25 26.91
CA LYS A 175 -14.34 15.88 28.13
C LYS A 175 -15.07 15.36 29.36
N HIS A 176 -16.40 15.28 29.27
CA HIS A 176 -17.17 14.74 30.39
C HIS A 176 -16.76 13.30 30.71
N TYR A 177 -16.55 12.54 29.64
CA TYR A 177 -16.21 11.13 29.77
C TYR A 177 -14.86 10.97 30.44
N TRP A 178 -13.87 11.72 29.98
CA TRP A 178 -12.53 11.61 30.54
C TRP A 178 -12.41 12.12 31.98
N ASP A 179 -13.22 13.11 32.35
CA ASP A 179 -13.24 13.54 33.74
C ASP A 179 -13.78 12.40 34.61
N ALA A 180 -14.86 11.79 34.12
CA ALA A 180 -15.47 10.68 34.84
C ALA A 180 -14.49 9.52 34.97
N ILE A 181 -13.73 9.26 33.91
CA ILE A 181 -12.74 8.18 33.94
C ILE A 181 -11.64 8.49 34.94
N SER A 182 -11.26 9.77 34.99
CA SER A 182 -10.20 10.18 35.91
C SER A 182 -10.63 9.94 37.35
N LEU A 183 -11.93 10.01 37.59
CA LEU A 183 -12.42 9.68 38.94
C LEU A 183 -12.16 8.23 39.36
N VAL A 184 -12.05 7.33 38.40
CA VAL A 184 -11.90 5.89 38.68
C VAL A 184 -10.44 5.43 38.79
N ILE A 185 -9.55 6.16 38.13
CA ILE A 185 -8.12 5.84 38.15
C ILE A 185 -7.46 6.28 39.46
N PRO A 186 -6.65 5.39 40.07
CA PRO A 186 -6.00 5.67 41.35
C PRO A 186 -5.03 6.84 41.23
N GLU A 187 -4.89 7.61 42.31
CA GLU A 187 -4.19 8.89 42.29
C GLU A 187 -2.74 8.81 41.84
N GLU A 188 -2.08 7.69 42.15
CA GLU A 188 -0.65 7.55 41.86
C GLU A 188 -0.34 7.49 40.35
N TYR A 189 -1.33 7.10 39.55
CA TYR A 189 -1.16 7.05 38.10
C TYR A 189 -1.05 8.44 37.46
N ARG A 190 -1.55 9.45 38.14
CA ARG A 190 -1.56 10.83 37.64
C ARG A 190 -2.25 10.95 36.27
N PHE A 191 -3.49 10.49 36.19
CA PHE A 191 -4.30 10.75 35.00
C PHE A 191 -5.29 11.88 35.27
N ASN A 192 -4.94 13.08 34.80
CA ASN A 192 -5.80 14.24 34.94
C ASN A 192 -6.81 14.37 33.81
N GLY A 193 -6.39 14.00 32.61
CA GLY A 193 -7.24 14.10 31.44
C GLY A 193 -6.59 13.51 30.21
N ARG A 194 -7.38 13.37 29.15
CA ARG A 194 -6.90 12.80 27.89
C ARG A 194 -6.07 13.79 27.08
N ARG A 195 -4.99 13.29 26.47
CA ARG A 195 -4.14 14.11 25.61
C ARG A 195 -3.31 13.24 24.65
N GLY A 196 -3.00 13.80 23.48
CA GLY A 196 -2.13 13.15 22.52
C GLY A 196 -2.72 12.24 21.46
N ILE A 197 -4.05 12.20 21.35
CA ILE A 197 -4.69 11.38 20.31
C ILE A 197 -4.67 12.03 18.91
N GLU A 198 -4.93 11.22 17.90
CA GLU A 198 -4.67 11.57 16.49
C GLU A 198 -5.58 12.64 15.90
N ILE A 199 -6.62 13.04 16.63
CA ILE A 199 -7.56 14.04 16.13
C ILE A 199 -6.88 15.39 15.85
N GLY A 200 -5.81 15.68 16.58
CA GLY A 200 -5.05 16.90 16.37
C GLY A 200 -3.56 16.65 16.43
N SER A 201 -2.77 17.73 16.50
CA SER A 201 -1.34 17.62 16.65
C SER A 201 -1.03 16.98 18.00
N PRO A 202 -0.18 15.94 17.99
CA PRO A 202 0.03 15.07 19.17
C PRO A 202 0.58 15.78 20.40
N ARG A 203 0.11 15.35 21.57
CA ARG A 203 0.61 15.82 22.86
C ARG A 203 1.10 14.59 23.62
N TYR A 204 2.39 14.28 23.46
CA TYR A 204 2.94 13.02 23.92
C TYR A 204 2.90 12.83 25.45
N ALA A 205 2.68 11.59 25.87
CA ALA A 205 2.33 11.28 27.26
C ALA A 205 3.39 11.61 28.30
N LYS A 206 2.94 12.18 29.41
CA LYS A 206 3.77 12.42 30.59
C LYS A 206 3.31 11.55 31.76
N ASP A 207 2.37 10.64 31.48
CA ASP A 207 1.87 9.70 32.49
C ASP A 207 1.48 8.37 31.83
N ILE A 208 1.51 7.30 32.63
CA ILE A 208 1.35 5.95 32.11
C ILE A 208 -0.02 5.62 31.47
N VAL A 209 -1.09 6.23 31.96
CA VAL A 209 -2.41 5.93 31.39
C VAL A 209 -2.55 6.51 29.98
N ASN A 210 -2.12 7.74 29.80
CA ASN A 210 -2.10 8.32 28.46
C ASN A 210 -1.17 7.56 27.51
N ALA A 211 -0.08 7.03 28.05
CA ALA A 211 0.85 6.23 27.25
C ALA A 211 0.20 4.93 26.78
N MSE A 212 -0.52 4.28 27.70
CA MSE A 212 -1.25 3.06 27.38
C MSE A 212 -2.33 3.35 26.34
O MSE A 212 -2.54 2.56 25.41
CB MSE A 212 -1.92 2.49 28.64
CG MSE A 212 -0.99 1.91 29.69
SE MSE A 212 -1.88 1.55 31.40
CE MSE A 212 -2.91 -0.03 30.89
N LEU A 213 -2.99 4.50 26.50
CA LEU A 213 -4.06 4.87 25.59
C LEU A 213 -3.53 5.14 24.19
N ASN A 214 -2.38 5.82 24.11
CA ASN A 214 -1.80 6.11 22.81
C ASN A 214 -1.35 4.84 22.11
N TYR A 215 -0.74 3.92 22.87
CA TYR A 215 -0.28 2.67 22.29
C TYR A 215 -1.48 1.85 21.76
N GLY A 216 -2.51 1.74 22.59
CA GLY A 216 -3.67 0.96 22.21
C GLY A 216 -4.46 1.54 21.05
N TYR A 217 -4.58 2.86 21.04
CA TYR A 217 -5.27 3.54 19.94
C TYR A 217 -4.48 3.37 18.65
N SER A 218 -3.16 3.26 18.77
CA SER A 218 -2.34 3.01 17.59
C SER A 218 -2.55 1.60 17.05
N ILE A 219 -2.58 0.61 17.93
CA ILE A 219 -2.84 -0.77 17.48
C ILE A 219 -4.22 -0.87 16.83
N LEU A 220 -5.22 -0.28 17.49
CA LEU A 220 -6.57 -0.29 16.97
C LEU A 220 -6.67 0.45 15.63
N LEU A 221 -5.92 1.53 15.49
CA LEU A 221 -5.91 2.26 14.22
C LEU A 221 -5.30 1.39 13.13
N ALA A 222 -4.32 0.57 13.48
CA ALA A 222 -3.75 -0.34 12.49
C ALA A 222 -4.80 -1.34 12.03
N GLU A 223 -5.52 -1.92 12.99
CA GLU A 223 -6.55 -2.90 12.67
C GLU A 223 -7.66 -2.28 11.79
N CYS A 224 -8.02 -1.05 12.11
CA CYS A 224 -9.00 -0.31 11.33
C CYS A 224 -8.54 0.04 9.93
N VAL A 225 -7.24 0.30 9.78
CA VAL A 225 -6.69 0.58 8.45
C VAL A 225 -6.80 -0.68 7.62
N LYS A 226 -6.51 -1.80 8.26
CA LYS A 226 -6.63 -3.08 7.58
C LYS A 226 -8.07 -3.35 7.16
N ALA A 227 -9.01 -3.03 8.05
CA ALA A 227 -10.43 -3.28 7.74
C ALA A 227 -10.90 -2.40 6.59
N VAL A 228 -10.51 -1.13 6.63
CA VAL A 228 -10.89 -0.19 5.58
C VAL A 228 -10.28 -0.59 4.24
N GLU A 229 -9.06 -1.13 4.27
CA GLU A 229 -8.40 -1.56 3.05
C GLU A 229 -9.02 -2.83 2.44
N LEU A 230 -9.38 -3.78 3.29
CA LEU A 230 -10.01 -5.02 2.79
C LEU A 230 -11.37 -4.77 2.15
N ALA A 231 -12.04 -3.69 2.57
CA ALA A 231 -13.37 -3.37 2.06
C ALA A 231 -13.31 -2.61 0.72
N GLY A 232 -12.11 -2.26 0.29
CA GLY A 232 -11.92 -1.54 -0.95
C GLY A 232 -11.99 -0.03 -0.82
N LEU A 233 -12.16 0.45 0.41
CA LEU A 233 -12.17 1.88 0.69
C LEU A 233 -10.77 2.50 0.64
N ASP A 234 -10.70 3.80 0.36
CA ASP A 234 -9.45 4.52 0.50
C ASP A 234 -9.35 5.04 1.93
N PRO A 235 -8.34 4.56 2.67
CA PRO A 235 -8.11 4.90 4.08
C PRO A 235 -7.90 6.39 4.35
N TYR A 236 -7.30 7.08 3.38
CA TYR A 236 -6.91 8.47 3.56
C TYR A 236 -8.01 9.48 3.22
N ALA A 237 -9.12 9.00 2.67
CA ALA A 237 -10.24 9.88 2.33
C ALA A 237 -11.38 9.77 3.34
N GLY A 238 -11.19 10.39 4.49
CA GLY A 238 -12.18 10.32 5.57
C GLY A 238 -13.28 11.34 5.41
N PHE A 239 -14.18 11.39 6.39
CA PHE A 239 -15.29 12.33 6.36
C PHE A 239 -15.26 13.26 7.58
N LEU A 240 -15.11 12.68 8.75
CA LEU A 240 -15.16 13.46 9.99
C LEU A 240 -13.82 14.11 10.32
N HIS A 241 -12.84 13.29 10.65
CA HIS A 241 -11.55 13.80 11.08
C HIS A 241 -10.57 14.07 9.94
N VAL A 242 -10.79 15.18 9.23
CA VAL A 242 -9.86 15.62 8.20
C VAL A 242 -8.61 16.21 8.87
N ASP A 243 -7.47 16.10 8.20
CA ASP A 243 -6.22 16.49 8.84
C ASP A 243 -5.16 16.99 7.85
N VAL A 244 -4.37 17.96 8.29
CA VAL A 244 -3.24 18.45 7.52
C VAL A 244 -2.05 17.50 7.67
N SER A 245 -2.13 16.61 8.65
CA SER A 245 -1.03 15.71 8.98
C SER A 245 -0.94 14.49 8.07
N GLY A 246 -1.96 14.29 7.25
CA GLY A 246 -1.96 13.16 6.31
C GLY A 246 -2.33 11.84 6.95
N ARG A 247 -2.89 11.90 8.15
CA ARG A 247 -3.30 10.72 8.89
C ARG A 247 -4.44 10.00 8.16
N SER A 248 -4.51 8.67 8.32
CA SER A 248 -5.52 7.87 7.64
C SER A 248 -6.92 8.17 8.16
N SER A 249 -7.54 9.19 7.57
CA SER A 249 -8.76 9.78 8.11
C SER A 249 -9.97 8.85 8.17
N LEU A 250 -10.11 7.97 7.20
CA LEU A 250 -11.28 7.08 7.18
C LEU A 250 -11.18 5.98 8.23
N ALA A 251 -9.99 5.42 8.40
CA ALA A 251 -9.78 4.45 9.47
C ALA A 251 -9.95 5.11 10.84
N ILE A 252 -9.54 6.37 10.94
CA ILE A 252 -9.72 7.13 12.17
C ILE A 252 -11.20 7.35 12.44
N ASP A 253 -11.97 7.55 11.37
CA ASP A 253 -13.41 7.73 11.50
C ASP A 253 -14.10 6.43 11.92
N LEU A 254 -13.67 5.32 11.34
CA LEU A 254 -14.22 4.02 11.67
C LEU A 254 -13.86 3.65 13.10
N MSE A 255 -12.72 4.17 13.56
CA MSE A 255 -12.21 3.85 14.89
C MSE A 255 -13.10 4.40 15.99
O MSE A 255 -13.08 3.89 17.12
CB MSE A 255 -10.77 4.35 15.03
CG MSE A 255 -10.17 4.06 16.39
SE MSE A 255 -8.24 4.27 16.42
CE MSE A 255 -8.12 5.94 15.42
N GLU A 256 -13.92 5.40 15.67
CA GLU A 256 -14.81 6.00 16.66
C GLU A 256 -15.74 4.94 17.23
N ASN A 257 -16.04 3.93 16.41
CA ASN A 257 -16.88 2.81 16.82
C ASN A 257 -16.28 1.97 17.93
N PHE A 258 -14.95 1.90 17.98
CA PHE A 258 -14.30 0.82 18.72
C PHE A 258 -13.32 1.19 19.83
N ARG A 259 -12.96 2.46 19.98
CA ARG A 259 -11.91 2.82 20.93
C ARG A 259 -12.24 2.45 22.38
N GLN A 260 -13.50 2.67 22.78
CA GLN A 260 -13.89 2.40 24.15
C GLN A 260 -13.91 0.90 24.42
N GLN A 261 -14.65 0.17 23.59
CA GLN A 261 -14.87 -1.26 23.77
C GLN A 261 -13.62 -2.10 23.65
N VAL A 262 -12.70 -1.66 22.79
CA VAL A 262 -11.49 -2.43 22.56
C VAL A 262 -10.35 -1.92 23.43
N VAL A 263 -10.01 -0.64 23.33
CA VAL A 263 -8.88 -0.13 24.08
C VAL A 263 -9.20 0.26 25.53
N ASP A 264 -10.30 0.99 25.73
CA ASP A 264 -10.54 1.56 27.05
C ASP A 264 -10.78 0.48 28.11
N ARG A 265 -11.58 -0.52 27.77
CA ARG A 265 -11.89 -1.58 28.72
C ARG A 265 -10.66 -2.39 29.11
N VAL A 266 -9.75 -2.56 28.16
CA VAL A 266 -8.52 -3.30 28.42
C VAL A 266 -7.59 -2.49 29.33
N VAL A 267 -7.44 -1.20 29.01
CA VAL A 267 -6.61 -0.34 29.84
C VAL A 267 -7.17 -0.23 31.26
N LEU A 268 -8.49 -0.16 31.36
CA LEU A 268 -9.17 -0.08 32.65
C LEU A 268 -8.99 -1.36 33.46
N ARG A 269 -9.07 -2.49 32.78
CA ARG A 269 -8.89 -3.77 33.46
C ARG A 269 -7.47 -3.87 33.98
N LEU A 270 -6.52 -3.48 33.15
CA LEU A 270 -5.11 -3.55 33.53
C LEU A 270 -4.80 -2.62 34.71
N ILE A 271 -5.47 -1.47 34.76
CA ILE A 271 -5.30 -0.56 35.88
C ILE A 271 -5.94 -1.10 37.16
N SER A 272 -7.09 -1.74 37.02
CA SER A 272 -7.82 -2.22 38.19
C SER A 272 -7.04 -3.27 38.98
N TYR A 273 -6.25 -4.08 38.27
CA TYR A 273 -5.47 -5.13 38.93
C TYR A 273 -4.02 -4.71 39.17
N ARG A 274 -3.72 -3.45 38.89
CA ARG A 274 -2.37 -2.90 39.05
C ARG A 274 -1.34 -3.69 38.23
N GLN A 275 -1.77 -4.27 37.13
CA GLN A 275 -0.89 -5.07 36.29
C GLN A 275 0.05 -4.19 35.47
N ILE A 276 -0.30 -2.90 35.37
CA ILE A 276 0.60 -1.89 34.84
C ILE A 276 0.58 -0.74 35.84
N LYS A 277 1.77 -0.21 36.13
CA LYS A 277 1.96 0.66 37.29
C LYS A 277 2.64 1.97 36.90
N PRO A 278 2.53 3.01 37.75
CA PRO A 278 3.16 4.30 37.44
C PRO A 278 4.67 4.18 37.22
N GLU A 279 5.31 3.25 37.92
CA GLU A 279 6.76 3.07 37.80
C GLU A 279 7.14 2.30 36.54
N ASP A 280 6.14 1.88 35.77
CA ASP A 280 6.37 1.22 34.48
C ASP A 280 6.71 2.23 33.39
N CYS A 281 6.66 3.51 33.74
CA CYS A 281 7.14 4.57 32.87
C CYS A 281 8.65 4.48 32.65
N GLU A 282 9.07 4.82 31.44
CA GLU A 282 10.48 4.89 31.06
C GLU A 282 10.70 6.19 30.32
N LYS A 283 11.60 7.02 30.83
CA LYS A 283 11.79 8.35 30.27
C LYS A 283 12.68 8.34 29.04
N ARG A 284 12.14 7.85 27.93
CA ARG A 284 12.80 7.99 26.64
C ARG A 284 12.36 9.32 26.05
N ASN A 285 13.32 10.04 25.46
CA ASN A 285 13.10 11.42 25.03
C ASN A 285 12.56 12.26 26.20
N MSE A 286 11.53 13.05 25.95
CA MSE A 286 10.92 13.84 27.02
C MSE A 286 9.63 13.22 27.58
O MSE A 286 8.97 13.83 28.42
CB MSE A 286 10.64 15.27 26.55
CG MSE A 286 11.61 16.30 27.09
SE MSE A 286 11.68 16.32 29.04
CE MSE A 286 9.82 16.83 29.40
N VAL A 287 9.28 12.03 27.10
CA VAL A 287 7.96 11.47 27.38
C VAL A 287 7.96 10.19 28.21
N CYS A 288 6.80 9.85 28.75
CA CYS A 288 6.63 8.58 29.43
C CYS A 288 6.38 7.47 28.42
N GLN A 289 7.33 6.55 28.31
CA GLN A 289 7.26 5.46 27.35
C GLN A 289 7.04 4.14 28.09
N LEU A 290 6.24 3.25 27.54
CA LEU A 290 5.98 1.98 28.20
C LEU A 290 7.26 1.16 28.33
N SER A 291 7.43 0.53 29.48
CA SER A 291 8.51 -0.43 29.66
C SER A 291 8.22 -1.63 28.78
N ASP A 292 9.25 -2.39 28.41
CA ASP A 292 9.08 -3.48 27.44
C ASP A 292 8.07 -4.50 27.95
N ASN A 293 8.04 -4.73 29.26
CA ASN A 293 7.09 -5.67 29.83
C ASN A 293 5.66 -5.15 29.79
N ALA A 294 5.48 -3.88 30.17
CA ALA A 294 4.16 -3.25 30.11
C ALA A 294 3.68 -3.19 28.67
N ARG A 295 4.61 -2.98 27.75
CA ARG A 295 4.28 -2.90 26.33
C ARG A 295 3.83 -4.26 25.80
N ARG A 296 4.57 -5.31 26.12
CA ARG A 296 4.20 -6.65 25.66
C ARG A 296 2.87 -7.09 26.26
N LEU A 297 2.65 -6.75 27.54
CA LEU A 297 1.41 -7.12 28.20
C LEU A 297 0.22 -6.39 27.58
N LEU A 298 0.39 -5.10 27.34
CA LEU A 298 -0.66 -4.30 26.74
C LEU A 298 -0.98 -4.78 25.33
N LEU A 299 0.06 -5.08 24.55
CA LEU A 299 -0.14 -5.52 23.18
C LEU A 299 -0.87 -6.86 23.12
N ALA A 300 -0.42 -7.81 23.95
CA ALA A 300 -1.05 -9.12 23.97
C ALA A 300 -2.50 -9.03 24.46
N SER A 301 -2.74 -8.13 25.42
CA SER A 301 -4.09 -7.95 25.94
C SER A 301 -5.00 -7.35 24.87
N LEU A 302 -4.46 -6.43 24.08
CA LEU A 302 -5.24 -5.81 23.01
C LEU A 302 -5.54 -6.79 21.87
N LEU A 303 -4.56 -7.60 21.49
CA LEU A 303 -4.80 -8.59 20.46
C LEU A 303 -5.81 -9.63 20.94
N GLU A 304 -5.73 -9.98 22.22
CA GLU A 304 -6.63 -10.96 22.81
C GLU A 304 -8.06 -10.42 22.82
N ARG A 305 -8.22 -9.17 23.23
CA ARG A 305 -9.52 -8.53 23.25
C ARG A 305 -10.07 -8.38 21.84
N LEU A 306 -9.17 -8.14 20.88
CA LEU A 306 -9.57 -7.98 19.50
C LEU A 306 -10.13 -9.29 18.97
N ASP A 307 -9.53 -10.41 19.40
CA ASP A 307 -9.98 -11.71 18.95
C ASP A 307 -11.06 -12.36 19.83
N SER A 308 -11.37 -11.73 20.96
CA SER A 308 -12.43 -12.24 21.83
C SER A 308 -13.82 -12.07 21.21
N LYS A 309 -14.68 -13.08 21.39
CA LYS A 309 -16.04 -13.03 20.88
C LYS A 309 -17.04 -12.25 21.74
N THR A 310 -18.07 -11.72 21.10
CA THR A 310 -19.15 -11.01 21.76
C THR A 310 -20.43 -11.15 20.95
N GLN A 311 -21.57 -10.85 21.58
CA GLN A 311 -22.86 -10.95 20.91
C GLN A 311 -23.19 -9.69 20.12
N TYR A 312 -23.38 -9.85 18.81
CA TYR A 312 -23.69 -8.72 17.95
C TYR A 312 -24.49 -9.15 16.71
N ARG A 313 -25.55 -8.40 16.43
CA ARG A 313 -26.43 -8.66 15.29
C ARG A 313 -26.92 -10.10 15.19
N GLY A 314 -27.31 -10.67 16.32
CA GLY A 314 -27.90 -11.99 16.34
C GLY A 314 -26.90 -13.14 16.23
N ARG A 315 -25.61 -12.84 16.36
CA ARG A 315 -24.59 -13.87 16.27
C ARG A 315 -23.34 -13.55 17.10
N ASN A 316 -22.56 -14.58 17.39
CA ASN A 316 -21.30 -14.43 18.12
C ASN A 316 -20.14 -14.09 17.19
N LEU A 317 -19.48 -12.98 17.44
CA LEU A 317 -18.43 -12.50 16.55
C LEU A 317 -17.25 -11.94 17.32
N ALA A 318 -16.04 -12.19 16.82
CA ALA A 318 -14.84 -11.54 17.33
C ALA A 318 -14.92 -10.06 17.01
N TYR A 319 -14.35 -9.22 17.85
CA TYR A 319 -14.40 -7.77 17.63
C TYR A 319 -13.73 -7.37 16.32
N SER A 320 -12.66 -8.07 15.95
CA SER A 320 -11.98 -7.80 14.69
C SER A 320 -12.91 -8.08 13.50
N SER A 321 -13.72 -9.12 13.63
CA SER A 321 -14.71 -9.44 12.63
C SER A 321 -15.76 -8.34 12.56
N ILE A 322 -16.09 -7.76 13.72
CA ILE A 322 -17.06 -6.68 13.78
C ILE A 322 -16.52 -5.42 13.11
N ILE A 323 -15.22 -5.18 13.26
CA ILE A 323 -14.60 -4.03 12.62
C ILE A 323 -14.59 -4.20 11.09
N LEU A 324 -14.24 -5.41 10.65
CA LEU A 324 -14.27 -5.71 9.21
C LEU A 324 -15.69 -5.57 8.67
N LEU A 325 -16.65 -6.03 9.47
CA LEU A 325 -18.05 -5.99 9.12
C LEU A 325 -18.54 -4.56 9.00
N HIS A 326 -18.00 -3.67 9.81
CA HIS A 326 -18.36 -2.27 9.73
C HIS A 326 -17.71 -1.54 8.56
N ALA A 327 -16.52 -1.97 8.15
CA ALA A 327 -15.95 -1.43 6.92
C ALA A 327 -16.83 -1.85 5.73
N ARG A 328 -17.24 -3.12 5.74
CA ARG A 328 -18.13 -3.60 4.70
C ARG A 328 -19.49 -2.91 4.75
N ASP A 329 -19.93 -2.53 5.95
CA ASP A 329 -21.17 -1.78 6.13
C ASP A 329 -21.04 -0.38 5.54
N VAL A 330 -19.87 0.22 5.66
CA VAL A 330 -19.64 1.53 5.08
C VAL A 330 -19.72 1.42 3.57
N VAL A 331 -19.13 0.35 3.02
CA VAL A 331 -19.22 0.15 1.57
C VAL A 331 -20.67 -0.09 1.13
N ALA A 332 -21.41 -0.85 1.94
CA ALA A 332 -22.81 -1.15 1.65
C ALA A 332 -23.66 0.12 1.68
N PHE A 333 -23.29 1.06 2.54
CA PHE A 333 -23.99 2.32 2.62
C PHE A 333 -23.69 3.21 1.42
N LEU A 334 -22.42 3.22 1.00
CA LEU A 334 -22.02 4.01 -0.15
C LEU A 334 -22.73 3.55 -1.43
N ARG A 335 -23.01 2.25 -1.51
CA ARG A 335 -23.69 1.67 -2.66
C ARG A 335 -25.21 1.78 -2.55
N GLY A 336 -25.70 2.27 -1.42
CA GLY A 336 -27.13 2.44 -1.22
C GLY A 336 -27.83 1.14 -0.88
N GLU A 337 -27.06 0.13 -0.53
CA GLU A 337 -27.61 -1.18 -0.20
C GLU A 337 -28.08 -1.31 1.25
N ARG A 338 -27.58 -0.45 2.13
CA ARG A 338 -27.88 -0.56 3.56
C ARG A 338 -27.52 0.71 4.32
N ARG A 339 -28.51 1.35 4.94
CA ARG A 339 -28.23 2.55 5.71
C ARG A 339 -27.30 2.21 6.86
N TYR A 340 -26.25 3.01 7.04
CA TYR A 340 -25.23 2.71 8.02
C TYR A 340 -25.67 2.98 9.45
N GLU A 341 -25.11 2.22 10.39
CA GLU A 341 -25.38 2.40 11.79
C GLU A 341 -24.08 2.15 12.57
N GLY A 342 -23.80 3.00 13.55
CA GLY A 342 -22.57 2.86 14.32
C GLY A 342 -22.65 1.65 15.23
N PHE A 343 -21.49 1.14 15.64
CA PHE A 343 -21.46 -0.03 16.50
C PHE A 343 -21.85 0.32 17.93
N VAL A 344 -22.95 -0.29 18.39
CA VAL A 344 -23.41 -0.18 19.77
C VAL A 344 -24.02 -1.52 20.17
N GLN A 345 -23.29 -2.30 20.96
CA GLN A 345 -23.85 -3.54 21.51
C GLN A 345 -24.62 -3.26 22.80
N LYS A 346 -24.11 -2.35 23.62
CA LYS A 346 -24.74 -2.00 24.88
C LYS A 346 -24.56 -0.51 25.18
N GLY B 1 15.10 11.68 -6.02
CA GLY B 1 16.25 10.85 -5.71
C GLY B 1 17.45 11.18 -6.58
N GLY B 2 18.58 10.54 -6.30
CA GLY B 2 18.67 9.57 -5.22
C GLY B 2 19.09 8.18 -5.65
N MSE B 3 19.93 7.56 -4.83
CA MSE B 3 20.45 6.21 -5.07
C MSE B 3 19.40 5.11 -4.88
O MSE B 3 18.55 5.20 -3.99
CB MSE B 3 21.67 5.98 -4.18
CG MSE B 3 22.00 4.54 -3.89
SE MSE B 3 23.39 4.42 -2.54
CE MSE B 3 23.45 2.49 -2.34
N ARG B 4 19.48 4.06 -5.70
CA ARG B 4 18.65 2.87 -5.52
C ARG B 4 19.48 1.77 -4.87
N LEU B 5 19.33 1.58 -3.57
CA LEU B 5 20.04 0.51 -2.87
C LEU B 5 19.44 -0.87 -3.13
N VAL B 6 20.31 -1.84 -3.39
CA VAL B 6 19.86 -3.21 -3.69
C VAL B 6 20.41 -4.18 -2.66
N VAL B 7 19.52 -4.95 -2.04
CA VAL B 7 19.93 -5.92 -1.04
C VAL B 7 19.49 -7.32 -1.45
N ASP B 8 20.44 -8.20 -1.69
CA ASP B 8 20.15 -9.53 -2.21
C ASP B 8 21.18 -10.53 -1.73
N GLY B 9 20.73 -11.77 -1.51
CA GLY B 9 21.60 -12.82 -1.05
C GLY B 9 21.35 -13.26 0.37
N PHE B 10 21.78 -14.48 0.68
CA PHE B 10 21.61 -15.08 2.00
C PHE B 10 22.35 -14.29 3.07
N GLY B 11 21.69 -14.08 4.20
CA GLY B 11 22.33 -13.55 5.39
C GLY B 11 22.52 -12.04 5.40
N LYS B 12 22.08 -11.38 4.35
CA LYS B 12 22.18 -9.92 4.30
C LYS B 12 20.93 -9.28 4.87
N TYR B 13 21.10 -8.30 5.75
CA TYR B 13 19.95 -7.62 6.33
C TYR B 13 20.15 -6.12 6.44
N LEU B 14 19.08 -5.38 6.16
CA LEU B 14 19.10 -3.93 6.26
C LEU B 14 18.66 -3.50 7.66
N GLY B 15 19.41 -2.59 8.26
CA GLY B 15 19.07 -2.07 9.57
C GLY B 15 19.59 -0.67 9.72
N ILE B 16 19.19 0.03 10.78
CA ILE B 16 19.68 1.38 11.00
C ILE B 16 20.81 1.46 12.03
N GLU B 17 21.62 2.50 11.91
CA GLU B 17 22.75 2.73 12.79
C GLU B 17 23.16 4.19 12.73
N ASN B 18 23.03 4.89 13.86
CA ASN B 18 23.40 6.30 13.97
C ASN B 18 22.74 7.20 12.92
N GLY B 19 21.50 6.89 12.59
CA GLY B 19 20.75 7.66 11.62
C GLY B 19 20.99 7.27 10.18
N LEU B 20 21.84 6.27 9.97
CA LEU B 20 22.16 5.80 8.62
C LEU B 20 21.52 4.46 8.28
N ILE B 21 21.02 4.32 7.05
CA ILE B 21 20.63 3.00 6.53
C ILE B 21 21.90 2.17 6.33
N VAL B 22 21.85 0.90 6.72
CA VAL B 22 23.06 0.06 6.74
C VAL B 22 22.79 -1.39 6.33
N VAL B 23 23.51 -1.86 5.31
CA VAL B 23 23.49 -3.27 4.94
C VAL B 23 24.52 -4.03 5.76
N LYS B 24 24.09 -5.13 6.39
CA LYS B 24 24.91 -5.92 7.30
C LYS B 24 24.88 -7.40 6.97
N GLU B 25 25.93 -8.10 7.41
CA GLU B 25 25.98 -9.56 7.36
C GLU B 25 26.83 -10.09 8.51
N LYS B 26 26.32 -11.09 9.21
CA LYS B 26 26.98 -11.69 10.36
C LYS B 26 27.33 -10.65 11.44
N GLY B 27 26.55 -9.59 11.51
CA GLY B 27 26.74 -8.56 12.53
C GLY B 27 27.76 -7.49 12.14
N LYS B 28 28.38 -7.65 10.98
CA LYS B 28 29.33 -6.65 10.48
C LYS B 28 28.70 -5.78 9.40
N ALA B 29 28.98 -4.49 9.46
CA ALA B 29 28.49 -3.57 8.44
C ALA B 29 29.12 -3.87 7.08
N LEU B 30 28.29 -3.89 6.05
CA LEU B 30 28.78 -4.07 4.68
C LEU B 30 28.71 -2.73 3.97
N ARG B 31 27.58 -2.05 4.14
CA ARG B 31 27.34 -0.80 3.45
C ARG B 31 26.65 0.18 4.39
N LYS B 32 26.92 1.47 4.22
CA LYS B 32 26.25 2.51 4.97
C LYS B 32 25.87 3.62 3.99
N VAL B 33 24.71 4.23 4.22
CA VAL B 33 24.21 5.27 3.33
C VAL B 33 23.23 6.19 4.06
N ARG B 34 23.28 7.48 3.75
CA ARG B 34 22.33 8.44 4.29
C ARG B 34 20.95 8.18 3.70
N PRO B 35 19.91 8.20 4.54
CA PRO B 35 18.53 8.05 4.08
C PRO B 35 18.14 9.12 3.07
N GLU B 36 18.70 10.32 3.20
CA GLU B 36 18.44 11.41 2.27
C GLU B 36 18.99 11.09 0.88
N ASP B 37 20.08 10.33 0.83
CA ASP B 37 20.67 9.91 -0.44
C ASP B 37 19.81 8.91 -1.19
N LEU B 38 18.98 8.17 -0.48
CA LEU B 38 18.18 7.10 -1.09
C LEU B 38 16.96 7.57 -1.88
N LYS B 39 16.65 6.82 -2.93
CA LYS B 39 15.44 7.03 -3.70
C LYS B 39 14.51 5.85 -3.45
N GLN B 40 15.10 4.65 -3.40
CA GLN B 40 14.36 3.43 -3.08
C GLN B 40 15.32 2.34 -2.63
N VAL B 41 14.79 1.35 -1.93
CA VAL B 41 15.58 0.16 -1.60
C VAL B 41 14.85 -1.10 -2.06
N LEU B 42 15.61 -2.09 -2.50
CA LEU B 42 15.03 -3.33 -3.01
C LEU B 42 15.47 -4.51 -2.17
N ILE B 43 14.52 -5.09 -1.43
CA ILE B 43 14.78 -6.28 -0.65
C ILE B 43 14.43 -7.52 -1.47
N ILE B 44 15.46 -8.19 -1.98
CA ILE B 44 15.28 -9.29 -2.90
C ILE B 44 15.63 -10.65 -2.29
N GLY B 45 14.74 -11.62 -2.49
CA GLY B 45 15.00 -13.00 -2.09
C GLY B 45 15.21 -13.23 -0.60
N LYS B 46 16.34 -13.85 -0.28
CA LYS B 46 16.68 -14.22 1.08
C LYS B 46 16.97 -13.02 1.99
N ALA B 47 17.25 -11.87 1.39
CA ALA B 47 17.58 -10.65 2.13
C ALA B 47 16.41 -10.16 2.99
N ALA B 48 16.74 -9.50 4.10
CA ALA B 48 15.73 -9.10 5.08
C ALA B 48 15.84 -7.63 5.47
N ILE B 49 14.78 -7.10 6.08
CA ILE B 49 14.75 -5.70 6.52
C ILE B 49 14.01 -5.52 7.85
N SER B 50 14.57 -4.69 8.72
CA SER B 50 13.96 -4.36 10.01
C SER B 50 12.85 -3.33 9.89
N SER B 51 11.92 -3.34 10.83
CA SER B 51 10.86 -2.34 10.87
C SER B 51 11.43 -0.93 11.13
N ASP B 52 12.51 -0.86 11.90
CA ASP B 52 13.14 0.44 12.14
C ASP B 52 13.72 1.02 10.85
N ALA B 53 14.22 0.14 9.98
CA ALA B 53 14.77 0.57 8.69
C ALA B 53 13.66 1.13 7.83
N ILE B 54 12.52 0.43 7.82
CA ILE B 54 11.37 0.87 7.07
C ILE B 54 10.86 2.21 7.59
N LYS B 55 10.97 2.40 8.90
CA LYS B 55 10.55 3.64 9.53
C LYS B 55 11.44 4.80 9.04
N LEU B 56 12.76 4.58 9.11
CA LEU B 56 13.69 5.61 8.69
C LEU B 56 13.59 5.92 7.20
N LEU B 57 13.24 4.91 6.41
CA LEU B 57 13.08 5.10 4.97
C LEU B 57 11.81 5.84 4.61
N LEU B 58 10.70 5.46 5.23
CA LEU B 58 9.42 6.11 4.99
C LEU B 58 9.43 7.55 5.50
N LYS B 59 10.22 7.82 6.53
CA LYS B 59 10.37 9.17 7.04
C LYS B 59 11.04 10.05 5.99
N ASN B 60 11.89 9.44 5.18
CA ASN B 60 12.59 10.15 4.11
C ASN B 60 11.90 9.97 2.76
N ARG B 61 10.66 9.47 2.80
CA ARG B 61 9.88 9.20 1.59
C ARG B 61 10.61 8.27 0.64
N VAL B 62 11.42 7.36 1.20
CA VAL B 62 12.10 6.36 0.40
C VAL B 62 11.17 5.18 0.11
N ASP B 63 11.05 4.84 -1.17
CA ASP B 63 10.27 3.69 -1.60
C ASP B 63 10.92 2.41 -1.10
N VAL B 64 10.12 1.46 -0.62
CA VAL B 64 10.66 0.16 -0.20
C VAL B 64 9.98 -0.97 -0.97
N VAL B 65 10.72 -1.62 -1.85
CA VAL B 65 10.13 -2.65 -2.70
C VAL B 65 10.66 -4.04 -2.37
N PHE B 66 9.75 -4.99 -2.18
CA PHE B 66 10.14 -6.38 -1.99
C PHE B 66 10.07 -7.13 -3.31
N LEU B 67 11.06 -7.98 -3.57
CA LEU B 67 11.14 -8.69 -4.84
C LEU B 67 11.62 -10.12 -4.66
N ASP B 68 11.23 -10.99 -5.59
CA ASP B 68 11.85 -12.31 -5.70
C ASP B 68 12.75 -12.35 -6.93
N PHE B 69 13.30 -13.52 -7.22
CA PHE B 69 14.24 -13.67 -8.32
C PHE B 69 13.60 -13.47 -9.70
N ASN B 70 12.28 -13.61 -9.76
CA ASN B 70 11.55 -13.38 -11.00
C ASN B 70 11.25 -11.91 -11.26
N GLY B 71 11.58 -11.05 -10.29
CA GLY B 71 11.31 -9.63 -10.41
C GLY B 71 9.89 -9.31 -10.03
N GLU B 72 9.16 -10.33 -9.58
CA GLU B 72 7.78 -10.15 -9.15
C GLU B 72 7.72 -9.22 -7.96
N ILE B 73 6.78 -8.29 -7.98
CA ILE B 73 6.66 -7.30 -6.92
C ILE B 73 5.80 -7.86 -5.79
N LEU B 74 6.45 -8.37 -4.75
CA LEU B 74 5.74 -8.93 -3.62
C LEU B 74 4.94 -7.87 -2.87
N GLY B 75 5.46 -6.65 -2.86
CA GLY B 75 4.79 -5.54 -2.19
C GLY B 75 5.68 -4.33 -2.08
N ARG B 76 5.09 -3.20 -1.69
CA ARG B 76 5.80 -1.94 -1.64
C ARG B 76 5.29 -1.03 -0.54
N LEU B 77 6.22 -0.36 0.15
CA LEU B 77 5.88 0.57 1.21
C LEU B 77 6.33 1.98 0.81
N SER B 78 5.48 2.96 1.09
CA SER B 78 5.75 4.35 0.75
C SER B 78 4.95 5.31 1.62
N HIS B 79 5.42 6.55 1.71
CA HIS B 79 4.72 7.59 2.44
C HIS B 79 3.39 7.88 1.75
N PRO B 80 2.29 7.92 2.52
CA PRO B 80 0.95 8.07 1.96
C PRO B 80 0.74 9.40 1.23
N LEU B 81 -0.05 9.36 0.16
CA LEU B 81 -0.44 10.56 -0.56
C LEU B 81 -1.86 10.99 -0.20
N ILE B 82 -2.13 12.29 -0.31
CA ILE B 82 -3.40 12.84 0.14
C ILE B 82 -3.82 13.99 -0.78
N GLY B 83 -5.12 14.29 -0.80
CA GLY B 83 -5.66 15.32 -1.69
C GLY B 83 -5.90 14.78 -3.08
N THR B 84 -5.82 13.47 -3.21
CA THR B 84 -5.97 12.80 -4.51
C THR B 84 -7.39 12.84 -5.06
N ALA B 85 -8.36 13.16 -4.21
CA ALA B 85 -9.77 12.96 -4.52
C ALA B 85 -10.30 13.69 -5.75
N LYS B 86 -9.77 14.87 -6.06
CA LYS B 86 -10.23 15.61 -7.22
C LYS B 86 -9.77 14.93 -8.51
N THR B 87 -8.48 14.61 -8.57
CA THR B 87 -7.91 13.98 -9.74
C THR B 87 -8.53 12.61 -9.94
N ARG B 88 -8.83 11.95 -8.83
CA ARG B 88 -9.50 10.65 -8.89
C ARG B 88 -10.96 10.77 -9.34
N ARG B 89 -11.60 11.89 -9.01
CA ARG B 89 -12.96 12.13 -9.45
C ARG B 89 -12.96 12.28 -10.96
N GLU B 90 -12.04 13.09 -11.47
CA GLU B 90 -11.91 13.28 -12.90
C GLU B 90 -11.49 11.98 -13.59
N GLN B 91 -10.74 11.15 -12.88
CA GLN B 91 -10.25 9.89 -13.42
C GLN B 91 -11.37 8.87 -13.58
N TYR B 92 -12.19 8.70 -12.54
CA TYR B 92 -13.33 7.80 -12.63
C TYR B 92 -14.36 8.33 -13.61
N LEU B 93 -14.47 9.66 -13.69
CA LEU B 93 -15.41 10.28 -14.62
C LEU B 93 -14.98 10.13 -16.08
N ALA B 94 -13.67 10.14 -16.32
CA ALA B 94 -13.12 10.08 -17.68
C ALA B 94 -13.40 8.74 -18.36
N TYR B 95 -13.58 7.71 -17.54
CA TYR B 95 -13.80 6.36 -18.05
C TYR B 95 -15.09 6.29 -18.86
N GLY B 96 -16.06 7.13 -18.50
CA GLY B 96 -17.33 7.16 -19.20
C GLY B 96 -17.36 8.05 -20.43
N ASP B 97 -16.33 8.86 -20.62
CA ASP B 97 -16.31 9.79 -21.75
C ASP B 97 -15.09 9.65 -22.65
N LYS B 98 -14.94 10.60 -23.57
CA LYS B 98 -13.93 10.53 -24.62
C LYS B 98 -12.48 10.63 -24.12
N ARG B 99 -12.29 11.18 -22.93
CA ARG B 99 -10.94 11.38 -22.40
C ARG B 99 -10.20 10.06 -22.23
N GLY B 100 -10.92 9.02 -21.80
CA GLY B 100 -10.31 7.72 -21.59
C GLY B 100 -9.94 7.07 -22.91
N VAL B 101 -10.79 7.27 -23.92
CA VAL B 101 -10.52 6.72 -25.24
C VAL B 101 -9.28 7.38 -25.82
N HIS B 102 -9.17 8.70 -25.63
CA HIS B 102 -8.01 9.43 -26.11
C HIS B 102 -6.75 8.99 -25.39
N LEU B 103 -6.90 8.66 -24.10
CA LEU B 103 -5.76 8.20 -23.32
C LEU B 103 -5.26 6.86 -23.82
N ALA B 104 -6.19 5.90 -23.99
CA ALA B 104 -5.82 4.58 -24.44
C ALA B 104 -5.21 4.61 -25.84
N LYS B 105 -5.79 5.46 -26.70
CA LYS B 105 -5.28 5.61 -28.06
C LYS B 105 -3.87 6.18 -28.05
N GLU B 106 -3.64 7.17 -27.19
CA GLU B 106 -2.31 7.77 -27.07
C GLU B 106 -1.29 6.77 -26.56
N PHE B 107 -1.73 5.89 -25.66
CA PHE B 107 -0.83 4.88 -25.09
C PHE B 107 -0.42 3.85 -26.15
N ILE B 108 -1.41 3.32 -26.85
CA ILE B 108 -1.12 2.33 -27.88
C ILE B 108 -0.28 2.93 -29.00
N LYS B 109 -0.58 4.17 -29.36
CA LYS B 109 0.16 4.85 -30.41
C LYS B 109 1.60 5.08 -29.99
N ALA B 110 1.79 5.35 -28.70
CA ALA B 110 3.14 5.53 -28.17
C ALA B 110 3.92 4.24 -28.25
N LYS B 111 3.26 3.12 -27.91
CA LYS B 111 3.93 1.83 -27.98
C LYS B 111 4.34 1.49 -29.41
N MSE B 112 3.43 1.69 -30.35
CA MSE B 112 3.72 1.40 -31.75
C MSE B 112 4.83 2.29 -32.28
O MSE B 112 5.69 1.84 -33.05
CB MSE B 112 2.48 1.58 -32.61
CG MSE B 112 1.34 0.64 -32.27
SE MSE B 112 -0.17 0.92 -33.46
CE MSE B 112 -1.36 -0.46 -32.80
N ALA B 113 4.83 3.55 -31.84
CA ALA B 113 5.84 4.50 -32.31
C ALA B 113 7.23 4.12 -31.83
N ASN B 114 7.32 3.72 -30.56
CA ASN B 114 8.62 3.26 -30.05
C ASN B 114 9.08 1.93 -30.69
N GLN B 115 8.11 1.07 -30.99
CA GLN B 115 8.45 -0.18 -31.68
C GLN B 115 9.04 0.13 -33.06
N MSE B 116 8.44 1.10 -33.73
CA MSE B 116 8.93 1.55 -35.02
C MSE B 116 10.29 2.22 -34.90
O MSE B 116 11.12 2.14 -35.82
CB MSE B 116 7.93 2.48 -35.68
CG MSE B 116 6.71 1.76 -36.24
SE MSE B 116 5.37 2.97 -36.95
CE MSE B 116 6.53 4.12 -38.01
N ALA B 117 10.54 2.87 -33.78
CA ALA B 117 11.84 3.51 -33.56
C ALA B 117 12.93 2.45 -33.45
N ILE B 118 12.68 1.44 -32.62
CA ILE B 118 13.66 0.36 -32.45
C ILE B 118 13.87 -0.40 -33.75
N LEU B 119 12.80 -0.62 -34.50
CA LEU B 119 12.92 -1.31 -35.77
C LEU B 119 13.74 -0.47 -36.74
N THR B 120 13.58 0.85 -36.66
CA THR B 120 14.29 1.76 -37.55
C THR B 120 15.78 1.75 -37.26
N ASN B 121 16.15 1.87 -35.99
CA ASN B 121 17.58 1.84 -35.65
C ASN B 121 18.22 0.48 -35.92
N LEU B 122 17.45 -0.58 -35.72
CA LEU B 122 17.93 -1.92 -35.99
C LEU B 122 18.21 -2.08 -37.49
N ALA B 123 17.30 -1.56 -38.31
CA ALA B 123 17.50 -1.59 -39.75
C ALA B 123 18.66 -0.72 -40.19
N LYS B 124 18.85 0.40 -39.48
CA LYS B 124 19.93 1.33 -39.81
C LYS B 124 21.30 0.73 -39.56
N ALA B 125 21.40 -0.05 -38.50
CA ALA B 125 22.67 -0.71 -38.16
C ALA B 125 23.03 -1.81 -39.17
N ARG B 126 22.02 -2.33 -39.86
CA ARG B 126 22.21 -3.46 -40.76
C ARG B 126 22.10 -3.07 -42.24
N LYS B 127 22.23 -1.78 -42.52
CA LYS B 127 22.01 -1.25 -43.87
C LYS B 127 22.97 -1.84 -44.91
N ASP B 128 24.19 -2.15 -44.48
CA ASP B 128 25.19 -2.70 -45.39
C ASP B 128 25.53 -4.14 -45.05
N SER B 129 25.84 -4.38 -43.78
CA SER B 129 26.26 -5.71 -43.34
C SER B 129 25.19 -6.79 -43.50
N ASN B 130 23.92 -6.42 -43.29
CA ASN B 130 22.82 -7.36 -43.48
C ASN B 130 21.59 -6.79 -44.18
N PRO B 131 21.66 -6.55 -45.50
CA PRO B 131 20.57 -5.91 -46.24
C PRO B 131 19.22 -6.62 -46.14
N GLU B 132 19.24 -7.95 -46.08
CA GLU B 132 18.01 -8.74 -46.04
C GLU B 132 17.20 -8.49 -44.77
N VAL B 133 17.88 -8.59 -43.63
CA VAL B 133 17.22 -8.39 -42.35
C VAL B 133 16.73 -6.95 -42.22
N ALA B 134 17.51 -6.01 -42.75
CA ALA B 134 17.12 -4.60 -42.70
C ALA B 134 15.86 -4.36 -43.53
N GLU B 135 15.77 -5.06 -44.65
CA GLU B 135 14.58 -4.97 -45.50
C GLU B 135 13.36 -5.51 -44.77
N SER B 136 13.53 -6.66 -44.12
CA SER B 136 12.44 -7.26 -43.38
C SER B 136 11.97 -6.36 -42.23
N LEU B 137 12.94 -5.72 -41.58
CA LEU B 137 12.65 -4.85 -40.45
C LEU B 137 11.88 -3.63 -40.91
N LEU B 138 12.33 -3.01 -41.99
CA LEU B 138 11.67 -1.82 -42.49
C LEU B 138 10.26 -2.12 -42.98
N LYS B 139 10.06 -3.29 -43.58
CA LYS B 139 8.71 -3.67 -43.97
C LYS B 139 7.80 -3.92 -42.77
N ALA B 140 8.38 -4.48 -41.70
CA ALA B 140 7.61 -4.67 -40.47
C ALA B 140 7.23 -3.32 -39.88
N LYS B 141 8.13 -2.35 -39.98
CA LYS B 141 7.86 -1.00 -39.52
C LYS B 141 6.75 -0.36 -40.34
N LYS B 142 6.73 -0.66 -41.63
CA LYS B 142 5.70 -0.13 -42.51
C LYS B 142 4.33 -0.69 -42.12
N GLU B 143 4.30 -1.98 -41.81
CA GLU B 143 3.05 -2.59 -41.38
C GLU B 143 2.56 -2.05 -40.04
N ILE B 144 3.50 -1.81 -39.13
CA ILE B 144 3.15 -1.22 -37.84
C ILE B 144 2.60 0.19 -38.03
N ASP B 145 3.17 0.92 -38.99
CA ASP B 145 2.70 2.26 -39.29
C ASP B 145 1.31 2.21 -39.90
N ALA B 146 1.02 1.13 -40.63
CA ALA B 146 -0.32 0.92 -41.16
C ALA B 146 -1.30 0.68 -40.02
N CYS B 147 -0.85 -0.03 -38.99
CA CYS B 147 -1.67 -0.23 -37.80
C CYS B 147 -1.88 1.08 -37.05
N LEU B 148 -0.89 1.97 -37.14
CA LEU B 148 -0.97 3.26 -36.48
C LEU B 148 -2.04 4.11 -37.16
N ASN B 149 -1.98 4.14 -38.49
CA ASN B 149 -2.98 4.88 -39.25
C ASN B 149 -4.39 4.29 -39.13
N GLU B 150 -4.48 2.97 -38.96
CA GLU B 150 -5.78 2.36 -38.68
C GLU B 150 -6.29 2.77 -37.30
N LEU B 151 -5.38 2.79 -36.33
CA LEU B 151 -5.74 3.15 -34.97
C LEU B 151 -6.19 4.60 -34.87
N ASP B 152 -5.63 5.45 -35.73
CA ASP B 152 -5.97 6.86 -35.73
C ASP B 152 -7.43 7.12 -36.09
N GLY B 153 -8.00 6.23 -36.89
CA GLY B 153 -9.37 6.37 -37.33
C GLY B 153 -10.43 5.90 -36.34
N VAL B 154 -10.03 5.10 -35.36
CA VAL B 154 -10.99 4.60 -34.36
C VAL B 154 -11.53 5.73 -33.49
N GLU B 155 -12.85 5.73 -33.27
CA GLU B 155 -13.50 6.75 -32.46
C GLU B 155 -14.68 6.16 -31.71
N ALA B 156 -14.87 6.60 -30.47
CA ALA B 156 -16.01 6.15 -29.67
C ALA B 156 -16.30 7.08 -28.49
N GLU B 157 -17.56 7.11 -28.07
CA GLU B 157 -17.96 7.87 -26.88
C GLU B 157 -17.37 7.28 -25.60
N MSE B 158 -17.10 5.98 -25.63
CA MSE B 158 -16.72 5.25 -24.42
C MSE B 158 -15.69 4.16 -24.71
O MSE B 158 -15.77 3.48 -25.74
CB MSE B 158 -17.98 4.64 -23.79
CG MSE B 158 -17.89 4.36 -22.31
SE MSE B 158 -19.64 3.97 -21.57
CE MSE B 158 -19.13 3.57 -19.72
N ILE B 159 -14.73 4.00 -23.81
CA ILE B 159 -13.64 3.05 -24.01
C ILE B 159 -14.12 1.59 -24.03
N ASP B 160 -15.20 1.31 -23.32
CA ASP B 160 -15.72 -0.05 -23.21
C ASP B 160 -16.16 -0.61 -24.56
N LYS B 161 -16.58 0.27 -25.45
CA LYS B 161 -17.05 -0.16 -26.76
C LYS B 161 -15.90 -0.62 -27.67
N VAL B 162 -14.82 0.15 -27.68
CA VAL B 162 -13.73 -0.08 -28.63
C VAL B 162 -12.46 -0.68 -28.03
N ARG B 163 -12.50 -1.07 -26.75
CA ARG B 163 -11.32 -1.63 -26.11
C ARG B 163 -10.86 -2.90 -26.81
N GLU B 164 -11.81 -3.68 -27.30
CA GLU B 164 -11.51 -4.94 -27.97
C GLU B 164 -10.79 -4.71 -29.28
N ARG B 165 -11.35 -3.80 -30.09
CA ARG B 165 -10.78 -3.48 -31.40
C ARG B 165 -9.40 -2.84 -31.24
N LEU B 166 -9.27 -2.01 -30.21
CA LEU B 166 -8.02 -1.32 -29.93
C LEU B 166 -6.94 -2.34 -29.56
N LEU B 167 -7.30 -3.27 -28.68
CA LEU B 167 -6.37 -4.31 -28.28
C LEU B 167 -6.02 -5.24 -29.44
N GLY B 168 -6.95 -5.40 -30.38
CA GLY B 168 -6.67 -6.20 -31.56
C GLY B 168 -5.68 -5.54 -32.49
N ILE B 169 -5.82 -4.22 -32.65
CA ILE B 169 -4.89 -3.48 -33.49
C ILE B 169 -3.50 -3.49 -32.84
N GLU B 170 -3.48 -3.32 -31.53
CA GLU B 170 -2.22 -3.36 -30.80
C GLU B 170 -1.59 -4.75 -30.87
N GLY B 171 -2.44 -5.78 -30.92
CA GLY B 171 -1.96 -7.14 -31.00
C GLY B 171 -1.35 -7.43 -32.36
N LYS B 172 -1.94 -6.88 -33.41
CA LYS B 172 -1.37 -7.02 -34.74
C LYS B 172 -0.02 -6.32 -34.83
N ALA B 173 0.03 -5.07 -34.34
CA ALA B 173 1.27 -4.30 -34.41
C ALA B 173 2.38 -4.96 -33.61
N SER B 174 2.04 -5.46 -32.42
CA SER B 174 3.00 -6.14 -31.57
C SER B 174 3.46 -7.44 -32.22
N LYS B 175 2.57 -8.09 -32.96
CA LYS B 175 2.93 -9.32 -33.64
C LYS B 175 3.97 -9.04 -34.73
N HIS B 176 3.74 -7.97 -35.49
CA HIS B 176 4.71 -7.59 -36.52
C HIS B 176 6.04 -7.20 -35.90
N TYR B 177 5.97 -6.55 -34.74
CA TYR B 177 7.18 -6.07 -34.08
C TYR B 177 8.03 -7.24 -33.60
N TRP B 178 7.43 -8.15 -32.87
CA TRP B 178 8.18 -9.29 -32.37
C TRP B 178 8.66 -10.23 -33.47
N ASP B 179 7.86 -10.36 -34.53
CA ASP B 179 8.30 -11.14 -35.68
C ASP B 179 9.53 -10.49 -36.32
N ALA B 180 9.57 -9.16 -36.30
CA ALA B 180 10.75 -8.46 -36.80
C ALA B 180 11.97 -8.62 -35.87
N ILE B 181 11.73 -8.54 -34.57
CA ILE B 181 12.80 -8.65 -33.59
C ILE B 181 13.44 -10.04 -33.61
N SER B 182 12.63 -11.04 -33.95
CA SER B 182 13.13 -12.42 -34.00
C SER B 182 14.26 -12.59 -35.01
N LEU B 183 14.22 -11.79 -36.08
CA LEU B 183 15.26 -11.82 -37.11
C LEU B 183 16.62 -11.39 -36.58
N VAL B 184 16.60 -10.51 -35.57
CA VAL B 184 17.81 -9.94 -35.00
C VAL B 184 18.44 -10.81 -33.91
N ILE B 185 17.60 -11.59 -33.23
CA ILE B 185 18.07 -12.49 -32.18
C ILE B 185 18.82 -13.68 -32.77
N PRO B 186 19.99 -14.01 -32.21
CA PRO B 186 20.81 -15.14 -32.67
C PRO B 186 20.11 -16.49 -32.49
N GLU B 187 20.41 -17.42 -33.38
CA GLU B 187 19.74 -18.72 -33.43
C GLU B 187 19.85 -19.52 -32.14
N GLU B 188 20.96 -19.36 -31.42
CA GLU B 188 21.18 -20.10 -30.19
C GLU B 188 20.21 -19.74 -29.06
N TYR B 189 19.63 -18.55 -29.12
CA TYR B 189 18.74 -18.07 -28.07
C TYR B 189 17.33 -18.68 -28.12
N ARG B 190 16.99 -19.31 -29.25
CA ARG B 190 15.68 -19.95 -29.43
C ARG B 190 14.49 -19.03 -29.18
N PHE B 191 14.57 -17.81 -29.69
CA PHE B 191 13.47 -16.86 -29.54
C PHE B 191 12.43 -17.03 -30.64
N ASN B 192 11.32 -17.67 -30.31
CA ASN B 192 10.25 -17.93 -31.27
C ASN B 192 9.11 -16.90 -31.21
N GLY B 193 9.35 -15.80 -30.49
CA GLY B 193 8.32 -14.79 -30.30
C GLY B 193 7.90 -14.71 -28.85
N ARG B 194 7.17 -13.66 -28.49
CA ARG B 194 6.77 -13.45 -27.10
C ARG B 194 5.72 -14.47 -26.65
N ARG B 195 6.08 -15.28 -25.67
CA ARG B 195 5.11 -16.17 -25.04
C ARG B 195 4.85 -15.73 -23.62
N GLY B 196 5.63 -14.77 -23.14
CA GLY B 196 5.48 -14.25 -21.79
C GLY B 196 4.46 -13.13 -21.67
N ILE B 197 3.87 -12.74 -22.79
CA ILE B 197 2.92 -11.63 -22.81
C ILE B 197 1.67 -11.93 -21.97
N GLU B 198 1.25 -10.95 -21.17
CA GLU B 198 0.15 -11.15 -20.22
C GLU B 198 -1.23 -10.78 -20.78
N ILE B 199 -1.28 -10.29 -22.01
CA ILE B 199 -2.54 -9.86 -22.61
C ILE B 199 -3.54 -11.02 -22.74
N GLY B 200 -3.02 -12.22 -22.98
CA GLY B 200 -3.85 -13.40 -23.09
C GLY B 200 -3.81 -14.24 -21.83
N SER B 201 -2.68 -14.92 -21.62
CA SER B 201 -2.49 -15.76 -20.44
C SER B 201 -1.13 -15.47 -19.82
N PRO B 202 -1.01 -15.68 -18.49
CA PRO B 202 0.29 -15.53 -17.83
C PRO B 202 1.23 -16.68 -18.16
N ARG B 203 1.40 -16.97 -19.45
CA ARG B 203 2.30 -18.04 -19.89
C ARG B 203 3.73 -17.69 -19.52
N TYR B 204 4.47 -18.67 -19.02
CA TYR B 204 5.83 -18.44 -18.53
C TYR B 204 6.89 -18.78 -19.56
N ALA B 205 8.00 -18.04 -19.52
CA ALA B 205 9.05 -18.17 -20.52
C ALA B 205 9.76 -19.51 -20.52
N LYS B 206 9.96 -20.07 -21.72
CA LYS B 206 10.80 -21.26 -21.87
C LYS B 206 12.12 -20.91 -22.55
N ASP B 207 12.32 -19.62 -22.81
CA ASP B 207 13.56 -19.14 -23.42
C ASP B 207 14.10 -17.92 -22.68
N ILE B 208 15.41 -17.71 -22.77
CA ILE B 208 16.10 -16.68 -21.99
C ILE B 208 15.65 -15.25 -22.33
N VAL B 209 15.32 -15.00 -23.59
CA VAL B 209 14.95 -13.65 -24.01
C VAL B 209 13.61 -13.22 -23.41
N ASN B 210 12.65 -14.14 -23.44
CA ASN B 210 11.36 -13.86 -22.81
C ASN B 210 11.47 -13.74 -21.29
N ALA B 211 12.42 -14.46 -20.71
CA ALA B 211 12.66 -14.36 -19.27
C ALA B 211 13.17 -12.97 -18.93
N MSE B 212 14.12 -12.50 -19.75
CA MSE B 212 14.68 -11.17 -19.54
C MSE B 212 13.60 -10.11 -19.71
O MSE B 212 13.50 -9.17 -18.90
CB MSE B 212 15.81 -10.91 -20.54
CG MSE B 212 17.00 -11.84 -20.40
SE MSE B 212 18.24 -11.71 -21.90
CE MSE B 212 18.89 -9.89 -21.60
N LEU B 213 12.76 -10.28 -20.73
CA LEU B 213 11.71 -9.32 -20.99
C LEU B 213 10.69 -9.28 -19.86
N ASN B 214 10.34 -10.45 -19.33
CA ASN B 214 9.37 -10.52 -18.25
C ASN B 214 9.88 -9.86 -16.98
N TYR B 215 11.17 -10.10 -16.69
CA TYR B 215 11.80 -9.52 -15.51
C TYR B 215 11.82 -7.99 -15.62
N GLY B 216 12.30 -7.50 -16.76
CA GLY B 216 12.44 -6.08 -16.96
C GLY B 216 11.10 -5.35 -17.00
N TYR B 217 10.11 -6.00 -17.60
CA TYR B 217 8.76 -5.45 -17.63
C TYR B 217 8.19 -5.37 -16.23
N SER B 218 8.57 -6.33 -15.38
CA SER B 218 8.10 -6.27 -13.99
C SER B 218 8.72 -5.09 -13.23
N ILE B 219 10.02 -4.89 -13.42
CA ILE B 219 10.68 -3.75 -12.77
C ILE B 219 10.09 -2.42 -13.24
N LEU B 220 9.92 -2.31 -14.55
CA LEU B 220 9.36 -1.11 -15.14
C LEU B 220 7.93 -0.89 -14.65
N LEU B 221 7.21 -1.98 -14.44
CA LEU B 221 5.85 -1.89 -13.93
C LEU B 221 5.84 -1.33 -12.51
N ALA B 222 6.85 -1.69 -11.72
CA ALA B 222 6.95 -1.12 -10.37
C ALA B 222 7.20 0.38 -10.46
N GLU B 223 8.10 0.77 -11.35
CA GLU B 223 8.41 2.19 -11.50
C GLU B 223 7.18 2.98 -11.96
N CYS B 224 6.40 2.38 -12.85
CA CYS B 224 5.18 3.01 -13.34
C CYS B 224 4.08 3.11 -12.28
N VAL B 225 4.00 2.12 -11.40
CA VAL B 225 3.03 2.20 -10.32
C VAL B 225 3.41 3.37 -9.40
N LYS B 226 4.70 3.48 -9.10
CA LYS B 226 5.15 4.56 -8.24
C LYS B 226 4.87 5.91 -8.88
N ALA B 227 5.06 6.00 -10.19
CA ALA B 227 4.81 7.25 -10.90
C ALA B 227 3.33 7.62 -10.92
N VAL B 228 2.48 6.62 -11.11
CA VAL B 228 1.05 6.85 -11.16
C VAL B 228 0.50 7.29 -9.80
N GLU B 229 1.00 6.69 -8.73
CA GLU B 229 0.53 7.09 -7.41
C GLU B 229 1.12 8.42 -6.91
N LEU B 230 2.33 8.75 -7.36
CA LEU B 230 2.94 10.03 -6.99
C LEU B 230 2.17 11.22 -7.56
N ALA B 231 1.47 10.99 -8.67
CA ALA B 231 0.68 12.03 -9.31
C ALA B 231 -0.70 12.19 -8.69
N GLY B 232 -1.03 11.31 -7.73
CA GLY B 232 -2.34 11.31 -7.11
C GLY B 232 -3.37 10.49 -7.85
N LEU B 233 -2.95 9.88 -8.95
CA LEU B 233 -3.84 9.01 -9.74
C LEU B 233 -4.14 7.70 -9.03
N ASP B 234 -5.25 7.07 -9.40
CA ASP B 234 -5.57 5.74 -8.88
C ASP B 234 -4.99 4.71 -9.84
N PRO B 235 -4.02 3.92 -9.36
CA PRO B 235 -3.35 2.88 -10.14
C PRO B 235 -4.31 1.81 -10.66
N TYR B 236 -5.36 1.52 -9.88
CA TYR B 236 -6.23 0.39 -10.16
C TYR B 236 -7.46 0.73 -11.00
N ALA B 237 -7.58 1.99 -11.42
CA ALA B 237 -8.66 2.39 -12.31
C ALA B 237 -8.11 2.69 -13.70
N GLY B 238 -7.64 1.65 -14.39
CA GLY B 238 -7.09 1.81 -15.73
C GLY B 238 -8.17 1.95 -16.78
N PHE B 239 -7.77 2.34 -17.98
CA PHE B 239 -8.71 2.54 -19.08
C PHE B 239 -8.65 1.45 -20.13
N LEU B 240 -7.44 0.96 -20.40
CA LEU B 240 -7.24 0.02 -21.51
C LEU B 240 -7.06 -1.42 -21.04
N HIS B 241 -5.95 -1.69 -20.35
CA HIS B 241 -5.62 -3.04 -19.94
C HIS B 241 -6.27 -3.40 -18.60
N VAL B 242 -7.57 -3.66 -18.64
CA VAL B 242 -8.32 -4.01 -17.44
C VAL B 242 -8.54 -5.52 -17.30
N ASP B 243 -8.53 -6.01 -16.06
CA ASP B 243 -8.77 -7.43 -15.79
C ASP B 243 -9.07 -7.68 -14.30
N VAL B 244 -9.52 -8.89 -14.01
CA VAL B 244 -9.75 -9.34 -12.64
C VAL B 244 -8.43 -9.86 -12.06
N SER B 245 -7.37 -9.78 -12.88
CA SER B 245 -6.05 -10.28 -12.52
C SER B 245 -5.49 -9.57 -11.29
N GLY B 246 -5.99 -8.36 -11.02
CA GLY B 246 -5.63 -7.63 -9.83
C GLY B 246 -4.43 -6.71 -9.97
N ARG B 247 -3.80 -6.72 -11.13
CA ARG B 247 -2.68 -5.83 -11.40
C ARG B 247 -3.17 -4.40 -11.59
N SER B 248 -2.30 -3.43 -11.30
CA SER B 248 -2.64 -2.02 -11.44
C SER B 248 -2.77 -1.63 -12.91
N SER B 249 -4.00 -1.54 -13.38
CA SER B 249 -4.29 -1.35 -14.80
C SER B 249 -3.81 -0.01 -15.36
N LEU B 250 -3.88 1.05 -14.56
CA LEU B 250 -3.43 2.36 -15.05
C LEU B 250 -1.91 2.41 -15.23
N ALA B 251 -1.19 1.72 -14.36
CA ALA B 251 0.26 1.65 -14.49
C ALA B 251 0.63 0.87 -15.75
N ILE B 252 -0.14 -0.18 -16.04
CA ILE B 252 0.07 -0.97 -17.24
C ILE B 252 -0.24 -0.14 -18.49
N ASP B 253 -1.22 0.76 -18.37
CA ASP B 253 -1.53 1.66 -19.47
C ASP B 253 -0.42 2.68 -19.70
N LEU B 254 0.11 3.23 -18.61
CA LEU B 254 1.20 4.18 -18.69
C LEU B 254 2.48 3.53 -19.22
N MSE B 255 2.64 2.25 -18.91
CA MSE B 255 3.85 1.50 -19.23
C MSE B 255 4.04 1.36 -20.74
O MSE B 255 5.16 1.19 -21.21
CB MSE B 255 3.80 0.12 -18.57
CG MSE B 255 5.06 -0.70 -18.75
SE MSE B 255 5.04 -2.34 -17.71
CE MSE B 255 3.20 -2.88 -18.03
N GLU B 256 2.95 1.48 -21.49
CA GLU B 256 2.99 1.34 -22.94
C GLU B 256 3.91 2.36 -23.56
N ASN B 257 4.05 3.52 -22.91
CA ASN B 257 4.98 4.54 -23.35
C ASN B 257 6.45 4.12 -23.26
N PHE B 258 6.77 3.25 -22.31
CA PHE B 258 8.16 3.02 -21.94
C PHE B 258 8.68 1.59 -22.06
N ARG B 259 7.85 0.68 -22.56
CA ARG B 259 8.27 -0.72 -22.67
C ARG B 259 9.45 -0.90 -23.61
N GLN B 260 9.45 -0.15 -24.72
CA GLN B 260 10.48 -0.31 -25.73
C GLN B 260 11.78 0.42 -25.40
N GLN B 261 11.67 1.67 -25.00
CA GLN B 261 12.85 2.49 -24.72
C GLN B 261 13.62 2.10 -23.45
N VAL B 262 12.94 1.47 -22.51
CA VAL B 262 13.58 1.13 -21.24
C VAL B 262 13.99 -0.33 -21.16
N VAL B 263 13.07 -1.24 -21.46
CA VAL B 263 13.34 -2.67 -21.33
C VAL B 263 13.91 -3.29 -22.59
N ASP B 264 13.24 -3.10 -23.72
CA ASP B 264 13.60 -3.78 -24.95
C ASP B 264 15.03 -3.46 -25.40
N ARG B 265 15.41 -2.19 -25.34
CA ARG B 265 16.74 -1.78 -25.79
C ARG B 265 17.86 -2.32 -24.91
N VAL B 266 17.59 -2.45 -23.61
CA VAL B 266 18.56 -3.02 -22.69
C VAL B 266 18.76 -4.52 -22.97
N VAL B 267 17.65 -5.21 -23.20
CA VAL B 267 17.70 -6.63 -23.51
C VAL B 267 18.42 -6.86 -24.84
N LEU B 268 18.11 -6.02 -25.82
CA LEU B 268 18.74 -6.12 -27.13
C LEU B 268 20.24 -5.86 -27.03
N ARG B 269 20.61 -4.94 -26.15
CA ARG B 269 22.02 -4.61 -25.96
C ARG B 269 22.77 -5.76 -25.30
N LEU B 270 22.19 -6.30 -24.24
CA LEU B 270 22.84 -7.40 -23.52
C LEU B 270 22.93 -8.66 -24.37
N ILE B 271 21.93 -8.89 -25.21
CA ILE B 271 21.96 -10.02 -26.13
C ILE B 271 22.99 -9.81 -27.22
N SER B 272 23.14 -8.57 -27.66
CA SER B 272 24.05 -8.24 -28.75
C SER B 272 25.51 -8.49 -28.40
N TYR B 273 25.88 -8.30 -27.14
CA TYR B 273 27.25 -8.52 -26.70
C TYR B 273 27.42 -9.86 -26.01
N ARG B 274 26.40 -10.70 -26.12
CA ARG B 274 26.38 -12.04 -25.52
C ARG B 274 26.66 -12.00 -24.02
N GLN B 275 26.27 -10.91 -23.37
CA GLN B 275 26.51 -10.75 -21.94
C GLN B 275 25.52 -11.57 -21.11
N ILE B 276 24.44 -12.02 -21.75
CA ILE B 276 23.55 -12.99 -21.15
C ILE B 276 23.29 -14.12 -22.15
N LYS B 277 24.05 -15.20 -21.98
CA LYS B 277 23.99 -16.38 -22.85
C LYS B 277 22.80 -17.30 -22.55
N PRO B 278 22.40 -18.14 -23.52
CA PRO B 278 21.30 -19.08 -23.36
C PRO B 278 21.48 -20.06 -22.19
N GLU B 279 22.71 -20.41 -21.87
CA GLU B 279 22.98 -21.36 -20.79
C GLU B 279 22.83 -20.74 -19.40
N ASP B 280 22.57 -19.43 -19.36
CA ASP B 280 22.31 -18.74 -18.10
C ASP B 280 20.94 -19.11 -17.56
N CYS B 281 20.13 -19.77 -18.40
CA CYS B 281 18.84 -20.29 -17.97
C CYS B 281 19.01 -21.31 -16.84
N GLU B 282 18.07 -21.28 -15.90
CA GLU B 282 18.00 -22.23 -14.81
C GLU B 282 16.64 -22.92 -14.92
N LYS B 283 16.66 -24.24 -15.00
CA LYS B 283 15.42 -24.99 -15.15
C LYS B 283 14.66 -25.08 -13.83
N ARG B 284 13.45 -24.54 -13.83
CA ARG B 284 12.54 -24.64 -12.69
C ARG B 284 11.20 -25.05 -13.27
N ASN B 285 10.67 -26.18 -12.81
CA ASN B 285 9.56 -26.85 -13.50
C ASN B 285 9.99 -27.03 -14.96
N MSE B 286 9.35 -26.31 -15.87
CA MSE B 286 9.86 -26.23 -17.24
C MSE B 286 10.23 -24.78 -17.59
O MSE B 286 10.63 -24.48 -18.72
CB MSE B 286 8.85 -26.80 -18.24
CG MSE B 286 9.46 -27.19 -19.59
SE MSE B 286 8.18 -27.96 -20.84
CE MSE B 286 9.32 -28.06 -22.42
N VAL B 287 10.09 -23.89 -16.62
CA VAL B 287 10.35 -22.46 -16.84
C VAL B 287 11.84 -22.15 -16.91
N CYS B 288 12.18 -21.09 -17.62
CA CYS B 288 13.56 -20.61 -17.70
C CYS B 288 13.78 -19.44 -16.74
N GLN B 289 14.21 -19.75 -15.52
CA GLN B 289 14.55 -18.72 -14.55
C GLN B 289 15.92 -18.11 -14.88
N LEU B 290 16.12 -16.84 -14.57
CA LEU B 290 17.43 -16.23 -14.74
C LEU B 290 18.44 -16.74 -13.71
N SER B 291 19.70 -16.84 -14.13
CA SER B 291 20.80 -17.14 -13.21
C SER B 291 21.09 -15.92 -12.35
N ASP B 292 21.72 -16.11 -11.19
CA ASP B 292 21.97 -15.01 -10.28
C ASP B 292 22.81 -13.93 -10.94
N ASN B 293 23.79 -14.33 -11.74
CA ASN B 293 24.66 -13.38 -12.42
C ASN B 293 23.89 -12.61 -13.48
N ALA B 294 23.07 -13.34 -14.24
CA ALA B 294 22.23 -12.74 -15.27
C ALA B 294 21.20 -11.82 -14.64
N ARG B 295 20.74 -12.18 -13.44
CA ARG B 295 19.79 -11.35 -12.72
C ARG B 295 20.42 -10.04 -12.29
N ARG B 296 21.58 -10.13 -11.66
CA ARG B 296 22.25 -8.93 -11.15
C ARG B 296 22.65 -8.01 -12.29
N LEU B 297 23.05 -8.62 -13.41
CA LEU B 297 23.42 -7.82 -14.57
C LEU B 297 22.20 -7.13 -15.17
N LEU B 298 21.13 -7.89 -15.39
CA LEU B 298 19.94 -7.32 -16.01
C LEU B 298 19.30 -6.26 -15.13
N LEU B 299 19.33 -6.48 -13.82
CA LEU B 299 18.73 -5.54 -12.88
C LEU B 299 19.56 -4.27 -12.81
N ALA B 300 20.88 -4.41 -12.73
CA ALA B 300 21.73 -3.24 -12.71
C ALA B 300 21.60 -2.45 -14.01
N SER B 301 21.46 -3.15 -15.13
CA SER B 301 21.34 -2.50 -16.43
C SER B 301 20.03 -1.75 -16.56
N LEU B 302 18.95 -2.36 -16.08
CA LEU B 302 17.64 -1.73 -16.12
C LEU B 302 17.60 -0.51 -15.20
N LEU B 303 18.18 -0.64 -14.01
CA LEU B 303 18.17 0.47 -13.05
C LEU B 303 19.04 1.63 -13.54
N GLU B 304 20.19 1.32 -14.10
CA GLU B 304 21.05 2.35 -14.68
C GLU B 304 20.39 3.00 -15.89
N ARG B 305 19.60 2.22 -16.61
CA ARG B 305 18.85 2.72 -17.76
C ARG B 305 17.74 3.68 -17.36
N LEU B 306 17.05 3.36 -16.26
CA LEU B 306 15.96 4.21 -15.78
C LEU B 306 16.47 5.59 -15.40
N ASP B 307 17.68 5.62 -14.87
CA ASP B 307 18.29 6.86 -14.41
C ASP B 307 19.17 7.52 -15.46
N SER B 308 19.31 6.88 -16.62
CA SER B 308 20.04 7.47 -17.73
C SER B 308 19.32 8.70 -18.27
N LYS B 309 20.08 9.76 -18.56
CA LYS B 309 19.51 10.96 -19.15
C LYS B 309 19.23 10.85 -20.64
N THR B 310 18.25 11.63 -21.10
CA THR B 310 17.95 11.75 -22.52
C THR B 310 17.26 13.09 -22.76
N GLN B 311 17.27 13.55 -24.01
CA GLN B 311 16.63 14.82 -24.34
C GLN B 311 15.15 14.63 -24.61
N TYR B 312 14.32 15.44 -23.96
CA TYR B 312 12.87 15.38 -24.14
C TYR B 312 12.29 16.75 -23.85
N ARG B 313 11.57 17.29 -24.83
CA ARG B 313 10.98 18.63 -24.72
C ARG B 313 12.02 19.69 -24.38
N GLY B 314 13.24 19.49 -24.89
CA GLY B 314 14.32 20.47 -24.76
C GLY B 314 15.24 20.26 -23.58
N ARG B 315 14.77 19.52 -22.57
CA ARG B 315 15.58 19.24 -21.39
C ARG B 315 16.26 17.88 -21.43
N ASN B 316 17.39 17.77 -20.75
CA ASN B 316 18.00 16.46 -20.50
C ASN B 316 17.55 15.95 -19.13
N LEU B 317 16.96 14.76 -19.12
CA LEU B 317 16.40 14.20 -17.90
C LEU B 317 16.34 12.68 -17.94
N ALA B 318 16.34 12.06 -16.75
CA ALA B 318 16.29 10.61 -16.64
C ALA B 318 14.94 10.08 -17.10
N TYR B 319 14.93 8.83 -17.58
CA TYR B 319 13.69 8.24 -18.06
C TYR B 319 12.63 8.14 -16.95
N SER B 320 13.07 7.91 -15.73
CA SER B 320 12.15 7.83 -14.60
C SER B 320 11.44 9.17 -14.39
N SER B 321 12.17 10.25 -14.64
CA SER B 321 11.61 11.59 -14.58
C SER B 321 10.57 11.78 -15.68
N ILE B 322 10.83 11.19 -16.85
CA ILE B 322 9.88 11.24 -17.95
C ILE B 322 8.61 10.47 -17.61
N ILE B 323 8.76 9.39 -16.85
CA ILE B 323 7.61 8.60 -16.42
C ILE B 323 6.75 9.37 -15.42
N LEU B 324 7.40 9.97 -14.42
CA LEU B 324 6.66 10.79 -13.44
C LEU B 324 5.98 11.95 -14.14
N LEU B 325 6.68 12.51 -15.13
CA LEU B 325 6.17 13.65 -15.88
C LEU B 325 4.94 13.27 -16.69
N HIS B 326 4.98 12.09 -17.31
CA HIS B 326 3.83 11.61 -18.06
C HIS B 326 2.62 11.28 -17.18
N ALA B 327 2.89 10.81 -15.96
CA ALA B 327 1.77 10.61 -15.03
C ALA B 327 1.14 11.96 -14.70
N ARG B 328 1.99 12.97 -14.49
CA ARG B 328 1.50 14.32 -14.24
C ARG B 328 0.74 14.88 -15.45
N ASP B 329 1.18 14.51 -16.64
CA ASP B 329 0.51 14.93 -17.87
C ASP B 329 -0.87 14.30 -17.96
N VAL B 330 -0.99 13.06 -17.49
CA VAL B 330 -2.28 12.40 -17.46
C VAL B 330 -3.21 13.14 -16.51
N VAL B 331 -2.67 13.55 -15.35
CA VAL B 331 -3.48 14.32 -14.41
C VAL B 331 -3.90 15.66 -15.04
N ALA B 332 -2.99 16.26 -15.80
CA ALA B 332 -3.27 17.54 -16.43
C ALA B 332 -4.35 17.41 -17.50
N PHE B 333 -4.40 16.25 -18.15
CA PHE B 333 -5.45 16.00 -19.14
C PHE B 333 -6.79 15.72 -18.50
N LEU B 334 -6.77 15.04 -17.35
CA LEU B 334 -8.02 14.74 -16.65
C LEU B 334 -8.71 16.01 -16.14
N ARG B 335 -7.91 16.99 -15.78
CA ARG B 335 -8.43 18.28 -15.32
C ARG B 335 -8.72 19.20 -16.51
N GLY B 336 -8.34 18.74 -17.71
CA GLY B 336 -8.64 19.46 -18.94
C GLY B 336 -7.66 20.56 -19.25
N GLU B 337 -6.66 20.72 -18.40
CA GLU B 337 -5.67 21.79 -18.55
C GLU B 337 -4.77 21.64 -19.77
N ARG B 338 -4.54 20.41 -20.20
CA ARG B 338 -3.64 20.16 -21.33
C ARG B 338 -3.91 18.79 -21.96
N ARG B 339 -4.04 18.76 -23.28
CA ARG B 339 -4.27 17.50 -23.98
C ARG B 339 -3.07 16.56 -23.80
N TYR B 340 -3.36 15.30 -23.47
CA TYR B 340 -2.31 14.31 -23.27
C TYR B 340 -1.71 13.86 -24.59
N GLU B 341 -0.41 13.54 -24.57
CA GLU B 341 0.26 12.98 -25.73
C GLU B 341 1.22 11.87 -25.29
N GLY B 342 1.28 10.80 -26.07
CA GLY B 342 2.14 9.68 -25.73
C GLY B 342 3.61 10.00 -25.91
N PHE B 343 4.45 9.34 -25.13
CA PHE B 343 5.89 9.51 -25.22
C PHE B 343 6.43 8.99 -26.55
N VAL B 344 7.31 9.76 -27.17
CA VAL B 344 7.92 9.37 -28.44
C VAL B 344 9.39 9.80 -28.50
N GLN B 345 10.26 8.90 -28.91
CA GLN B 345 11.67 9.20 -29.02
C GLN B 345 12.31 8.36 -30.12
N LYS B 346 13.35 8.89 -30.75
CA LYS B 346 14.10 8.17 -31.77
C LYS B 346 15.58 8.32 -31.46
N TRP B 347 16.27 7.18 -31.30
CA TRP B 347 17.65 7.19 -30.83
C TRP B 347 18.41 5.97 -31.33
#